data_3S9I
#
_entry.id   3S9I
#
_cell.length_a   79.331
_cell.length_b   79.331
_cell.length_c   225.945
_cell.angle_alpha   90.00
_cell.angle_beta   90.00
_cell.angle_gamma   90.00
#
_symmetry.space_group_name_H-M   'P 43 21 2'
#
loop_
_entity.id
_entity.type
_entity.pdbx_description
1 polymer 'Malate synthase G'
2 non-polymer '2-4-DIOXO-4-PHENYLBUTANOIC ACID'
3 non-polymer 'MAGNESIUM ION'
4 water water
#
_entity_poly.entity_id   1
_entity_poly.type   'polypeptide(L)'
_entity_poly.pdbx_seq_one_letter_code
;MTDRVSVGNLRIARVLYDFVNNEALPGTDIDPDSFWAGVDKVVADLTPQNQALLNARDELQAQIDKWHRRRVIEPIDMDA
YRQFLTEIGYLLPEPDDFTITTSGVDAEITTTAGPQLVVPVLNARFALNAANARWGSLYDALYGTDVIPETDGAEKGPTY
NKVRGDKVIAYARKFLDDSVPLSSGSFGDATGFTVQDGQLVVALPDKSTGLANPGQFAGYTGAAESPTSVLLINHGLHIE
ILIDPESQVGTTDRAGVKDVILESAITTIMDFEDSVAAVDAADKVLGYRNWLGLNKGDLAAAVDKDGTAFLRVLNRDRNY
TAPGGGQFTLPGRSLMFVRNVGHLMTNDAIVDTDGSEVFEGIMDALFTGLIAIHGLKASDVNGPLINSRTGSIYIVKPKM
HGPAEVAFTCELFSRVEDVLGLPQNTMKIGIMDEERRTTVNLKACIKAAADRVVFINTGFLDRTGDEIHTSMEAGPMVRK
GTMKSQPWILAYEDHNVDAGLAAGFSGRAQVGKGMWTMTELMADMVETKIAQPRAGASTAWVPSPTAATLHALHYHQVDV
AAVQQGLAGKRRATIEQLLTIPLAKELAWAPDEIREEVDNNCQSILGYVVRWVDQGVGASKVPDIHDVALMEDRATLRIS
SQLLANWLRHGVITSADVRASLERMAPLVDRQNAGDVAYRPMAPNFDDSIAFLAAQELILSGAQQPNGYTEPILHRRRRE
FKARAAEKPAPSDRAGDDAAR
;
_entity_poly.pdbx_strand_id   A
#
# COMPACT_ATOMS: atom_id res chain seq x y z
N THR A 2 28.62 25.92 0.15
CA THR A 2 28.32 24.61 -0.44
C THR A 2 26.93 24.06 -0.02
N ASP A 3 26.04 24.98 0.48
CA ASP A 3 24.66 24.70 0.91
CA ASP A 3 24.66 24.71 0.92
C ASP A 3 24.47 23.53 1.91
N ARG A 4 25.48 23.29 2.78
CA ARG A 4 25.40 22.21 3.77
C ARG A 4 25.69 22.69 5.18
N VAL A 5 25.16 21.99 6.18
CA VAL A 5 25.36 22.32 7.59
C VAL A 5 26.13 21.20 8.27
N SER A 6 27.22 21.54 8.98
CA SER A 6 28.03 20.54 9.67
C SER A 6 27.51 20.26 11.07
N VAL A 7 27.23 18.98 11.31
CA VAL A 7 26.81 18.46 12.61
C VAL A 7 27.64 17.19 12.78
N GLY A 8 28.65 17.26 13.63
CA GLY A 8 29.54 16.11 13.88
C GLY A 8 30.20 15.68 12.59
N ASN A 9 30.01 14.39 12.22
CA ASN A 9 30.54 13.86 10.96
C ASN A 9 29.55 14.05 9.78
N LEU A 10 28.41 14.70 10.02
CA LEU A 10 27.42 14.87 8.97
C LEU A 10 27.40 16.24 8.32
N ARG A 11 26.98 16.28 7.06
CA ARG A 11 26.84 17.51 6.27
C ARG A 11 25.42 17.48 5.69
N ILE A 12 24.54 18.24 6.33
CA ILE A 12 23.10 18.25 6.07
C ILE A 12 22.71 19.31 5.07
N ALA A 13 21.93 18.93 4.03
CA ALA A 13 21.41 19.89 3.08
C ALA A 13 20.65 20.95 3.88
N ARG A 14 20.96 22.22 3.60
CA ARG A 14 20.39 23.37 4.32
C ARG A 14 18.85 23.35 4.31
N VAL A 15 18.23 22.98 3.17
CA VAL A 15 16.76 22.90 3.11
C VAL A 15 16.18 21.93 4.15
N LEU A 16 16.89 20.82 4.39
CA LEU A 16 16.44 19.82 5.37
C LEU A 16 16.71 20.29 6.79
N TYR A 17 17.91 20.87 7.02
CA TYR A 17 18.29 21.40 8.34
C TYR A 17 17.25 22.45 8.79
N ASP A 18 16.93 23.42 7.90
CA ASP A 18 15.95 24.49 8.17
C ASP A 18 14.55 23.93 8.41
N PHE A 19 14.10 23.00 7.54
CA PHE A 19 12.78 22.37 7.70
C PHE A 19 12.66 21.74 9.08
N VAL A 20 13.66 20.93 9.47
CA VAL A 20 13.63 20.27 10.78
C VAL A 20 13.60 21.30 11.94
N ASN A 21 14.48 22.32 11.90
CA ASN A 21 14.49 23.32 12.97
C ASN A 21 13.28 24.22 13.02
N ASN A 22 12.84 24.72 11.87
CA ASN A 22 11.75 25.69 11.83
C ASN A 22 10.35 25.11 11.85
N GLU A 23 10.19 23.86 11.35
CA GLU A 23 8.87 23.25 11.17
C GLU A 23 8.60 21.99 11.95
N ALA A 24 9.53 21.04 11.92
CA ALA A 24 9.34 19.76 12.61
C ALA A 24 9.58 19.78 14.12
N LEU A 25 10.68 20.41 14.57
CA LEU A 25 11.00 20.38 15.99
C LEU A 25 10.10 21.23 16.90
N PRO A 26 9.71 22.48 16.53
CA PRO A 26 8.86 23.29 17.43
C PRO A 26 7.54 22.60 17.79
N GLY A 27 7.27 22.51 19.09
CA GLY A 27 6.07 21.88 19.60
C GLY A 27 6.29 20.46 20.08
N THR A 28 7.49 19.86 19.87
CA THR A 28 7.79 18.49 20.33
C THR A 28 8.52 18.51 21.67
N ASP A 29 8.98 19.69 22.11
CA ASP A 29 9.80 19.91 23.31
C ASP A 29 11.16 19.18 23.24
N ILE A 30 11.61 18.84 22.01
CA ILE A 30 12.91 18.22 21.78
C ILE A 30 13.89 19.33 21.49
N ASP A 31 15.01 19.32 22.22
CA ASP A 31 16.09 20.29 22.06
C ASP A 31 16.76 20.10 20.71
N PRO A 32 16.78 21.13 19.84
CA PRO A 32 17.39 20.98 18.51
C PRO A 32 18.84 20.48 18.52
N ASP A 33 19.68 20.95 19.46
CA ASP A 33 21.07 20.49 19.50
C ASP A 33 21.19 18.99 19.85
N SER A 34 20.33 18.51 20.78
CA SER A 34 20.29 17.11 21.19
C SER A 34 19.72 16.24 20.05
N PHE A 35 18.75 16.78 19.29
CA PHE A 35 18.20 16.00 18.17
C PHE A 35 19.30 15.71 17.16
N TRP A 36 19.98 16.77 16.70
CA TRP A 36 21.03 16.65 15.69
C TRP A 36 22.24 15.81 16.13
N ALA A 37 22.60 15.86 17.43
CA ALA A 37 23.68 15.03 17.98
C ALA A 37 23.20 13.58 18.00
N GLY A 38 21.89 13.38 18.19
CA GLY A 38 21.28 12.05 18.16
C GLY A 38 21.30 11.46 16.77
N VAL A 39 21.02 12.30 15.74
CA VAL A 39 21.06 11.91 14.31
C VAL A 39 22.50 11.45 13.96
N ASP A 40 23.49 12.26 14.33
CA ASP A 40 24.90 11.95 14.10
C ASP A 40 25.29 10.62 14.74
N LYS A 41 24.89 10.39 16.01
CA LYS A 41 25.22 9.16 16.74
C LYS A 41 24.55 7.90 16.15
N VAL A 42 23.25 8.01 15.78
CA VAL A 42 22.51 6.87 15.21
C VAL A 42 23.11 6.48 13.86
N VAL A 43 23.35 7.48 13.00
CA VAL A 43 23.96 7.25 11.68
C VAL A 43 25.31 6.57 11.82
N ALA A 44 26.21 7.12 12.65
CA ALA A 44 27.53 6.52 12.88
C ALA A 44 27.44 5.08 13.41
N ASP A 45 26.59 4.85 14.42
CA ASP A 45 26.45 3.53 15.05
C ASP A 45 25.81 2.46 14.19
N LEU A 46 24.78 2.80 13.41
CA LEU A 46 24.02 1.77 12.67
C LEU A 46 24.43 1.55 11.25
N THR A 47 25.09 2.55 10.60
CA THR A 47 25.53 2.45 9.20
C THR A 47 26.32 1.13 8.93
N PRO A 48 27.30 0.70 9.78
CA PRO A 48 28.02 -0.56 9.49
C PRO A 48 27.11 -1.81 9.39
N GLN A 49 26.15 -2.02 10.34
CA GLN A 49 25.26 -3.17 10.31
CA GLN A 49 25.21 -3.15 10.34
C GLN A 49 24.33 -3.10 9.10
N ASN A 50 23.87 -1.89 8.73
CA ASN A 50 23.04 -1.69 7.55
C ASN A 50 23.84 -2.13 6.30
N GLN A 51 25.14 -1.70 6.18
CA GLN A 51 25.98 -2.13 5.04
C GLN A 51 26.21 -3.65 5.02
N ALA A 52 26.48 -4.24 6.20
CA ALA A 52 26.71 -5.68 6.37
C ALA A 52 25.51 -6.52 5.87
N LEU A 53 24.29 -6.04 6.17
CA LEU A 53 23.08 -6.73 5.74
C LEU A 53 22.93 -6.64 4.22
N LEU A 54 23.23 -5.48 3.60
CA LEU A 54 23.15 -5.34 2.15
C LEU A 54 24.20 -6.23 1.49
N ASN A 55 25.40 -6.32 2.07
CA ASN A 55 26.46 -7.22 1.57
C ASN A 55 26.03 -8.71 1.65
N ALA A 56 25.31 -9.09 2.74
CA ALA A 56 24.84 -10.47 2.94
C ALA A 56 23.83 -10.85 1.86
N ARG A 57 22.95 -9.89 1.44
CA ARG A 57 22.00 -10.10 0.36
C ARG A 57 22.76 -10.45 -0.92
N ASP A 58 23.77 -9.61 -1.29
CA ASP A 58 24.58 -9.80 -2.50
C ASP A 58 25.30 -11.14 -2.51
N GLU A 59 25.88 -11.53 -1.36
CA GLU A 59 26.59 -12.80 -1.19
C GLU A 59 25.68 -14.02 -1.37
N LEU A 60 24.46 -13.97 -0.78
CA LEU A 60 23.52 -15.07 -0.89
C LEU A 60 23.04 -15.20 -2.32
N GLN A 61 22.82 -14.06 -3.02
CA GLN A 61 22.38 -14.09 -4.42
C GLN A 61 23.45 -14.67 -5.32
N ALA A 62 24.73 -14.32 -5.07
CA ALA A 62 25.84 -14.84 -5.89
C ALA A 62 25.92 -16.36 -5.74
N GLN A 63 25.71 -16.87 -4.53
CA GLN A 63 25.73 -18.32 -4.21
C GLN A 63 24.60 -19.06 -4.90
N ILE A 64 23.39 -18.48 -4.88
CA ILE A 64 22.22 -19.09 -5.56
C ILE A 64 22.41 -19.07 -7.09
N ASP A 65 22.85 -17.93 -7.65
CA ASP A 65 23.13 -17.80 -9.09
C ASP A 65 24.09 -18.92 -9.57
N LYS A 66 25.20 -19.10 -8.84
CA LYS A 66 26.22 -20.11 -9.14
CA LYS A 66 26.24 -20.10 -9.11
C LYS A 66 25.63 -21.50 -9.05
N TRP A 67 24.84 -21.78 -7.99
CA TRP A 67 24.17 -23.06 -7.78
C TRP A 67 23.30 -23.39 -8.98
N HIS A 68 22.52 -22.41 -9.52
CA HIS A 68 21.69 -22.69 -10.70
C HIS A 68 22.50 -22.94 -11.98
N ARG A 69 23.63 -22.24 -12.16
CA ARG A 69 24.49 -22.44 -13.34
C ARG A 69 25.20 -23.80 -13.28
N ARG A 70 25.43 -24.31 -12.06
CA ARG A 70 26.09 -25.59 -11.83
C ARG A 70 25.11 -26.79 -11.87
N ARG A 71 23.86 -26.57 -12.33
CA ARG A 71 22.86 -27.63 -12.43
CA ARG A 71 22.85 -27.63 -12.43
C ARG A 71 22.91 -28.28 -13.81
N VAL A 72 23.00 -29.61 -13.84
CA VAL A 72 23.06 -30.38 -15.09
C VAL A 72 21.61 -30.69 -15.45
N ILE A 73 20.86 -31.13 -14.43
CA ILE A 73 19.43 -31.40 -14.43
C ILE A 73 18.68 -30.13 -14.99
N GLU A 74 17.56 -30.25 -15.74
CA GLU A 74 16.51 -31.29 -15.94
C GLU A 74 15.47 -30.91 -14.85
N PRO A 75 14.63 -31.77 -14.20
CA PRO A 75 13.74 -31.22 -13.16
C PRO A 75 14.54 -30.92 -11.88
N ILE A 76 14.51 -29.65 -11.41
CA ILE A 76 15.22 -29.23 -10.19
C ILE A 76 14.97 -30.19 -9.03
N ASP A 77 16.06 -30.66 -8.39
CA ASP A 77 16.03 -31.54 -7.22
C ASP A 77 15.71 -30.64 -6.02
N MET A 78 14.44 -30.65 -5.59
CA MET A 78 13.94 -29.84 -4.47
C MET A 78 14.63 -30.14 -3.13
N ASP A 79 14.86 -31.42 -2.82
CA ASP A 79 15.55 -31.85 -1.60
C ASP A 79 16.97 -31.26 -1.52
N ALA A 80 17.72 -31.30 -2.64
CA ALA A 80 19.08 -30.74 -2.74
C ALA A 80 19.02 -29.20 -2.66
N TYR A 81 18.04 -28.58 -3.33
CA TYR A 81 17.86 -27.13 -3.31
C TYR A 81 17.62 -26.62 -1.88
N ARG A 82 16.68 -27.28 -1.16
CA ARG A 82 16.33 -26.96 0.24
C ARG A 82 17.53 -27.13 1.19
N GLN A 83 18.35 -28.18 0.96
CA GLN A 83 19.53 -28.46 1.78
C GLN A 83 20.61 -27.40 1.56
N PHE A 84 20.78 -26.95 0.30
CA PHE A 84 21.72 -25.91 -0.09
C PHE A 84 21.31 -24.57 0.57
N LEU A 85 20.02 -24.18 0.48
CA LEU A 85 19.54 -22.92 1.06
C LEU A 85 19.71 -22.91 2.58
N THR A 86 19.59 -24.07 3.22
CA THR A 86 19.76 -24.21 4.67
C THR A 86 21.24 -24.06 5.04
N GLU A 87 22.14 -24.67 4.24
CA GLU A 87 23.59 -24.61 4.48
C GLU A 87 24.12 -23.17 4.33
N ILE A 88 23.64 -22.41 3.32
CA ILE A 88 24.09 -21.03 3.14
C ILE A 88 23.48 -19.99 4.11
N GLY A 89 22.50 -20.41 4.89
CA GLY A 89 21.85 -19.55 5.89
C GLY A 89 20.70 -18.73 5.37
N TYR A 90 20.19 -19.07 4.18
CA TYR A 90 19.05 -18.40 3.55
C TYR A 90 17.79 -18.87 4.30
N LEU A 91 17.64 -20.21 4.42
CA LEU A 91 16.57 -20.91 5.10
C LEU A 91 17.04 -21.18 6.53
N LEU A 92 16.43 -20.50 7.49
CA LEU A 92 16.78 -20.60 8.91
C LEU A 92 15.79 -21.49 9.65
N PRO A 93 16.17 -22.08 10.81
CA PRO A 93 15.22 -22.92 11.56
C PRO A 93 14.00 -22.13 12.02
N GLU A 94 12.83 -22.78 12.08
CA GLU A 94 11.57 -22.16 12.52
C GLU A 94 11.60 -22.09 14.07
N PRO A 95 11.29 -20.93 14.71
CA PRO A 95 11.30 -20.91 16.18
C PRO A 95 10.07 -21.62 16.72
N ASP A 96 10.05 -21.86 18.05
CA ASP A 96 8.90 -22.50 18.70
C ASP A 96 7.70 -21.55 18.68
N ASP A 97 6.49 -22.10 18.86
CA ASP A 97 5.26 -21.33 18.88
C ASP A 97 5.35 -20.16 19.86
N PHE A 98 4.79 -19.01 19.49
CA PHE A 98 4.79 -17.80 20.32
C PHE A 98 3.55 -16.97 20.00
N THR A 99 3.25 -15.98 20.84
CA THR A 99 2.16 -15.02 20.68
C THR A 99 2.81 -13.66 20.72
N ILE A 100 2.38 -12.72 19.84
CA ILE A 100 2.92 -11.35 19.81
C ILE A 100 2.49 -10.62 21.07
N THR A 101 3.29 -9.65 21.52
CA THR A 101 3.04 -8.90 22.74
C THR A 101 2.77 -7.42 22.50
N THR A 102 2.73 -6.99 21.23
CA THR A 102 2.50 -5.58 20.88
C THR A 102 1.30 -5.01 21.63
N SER A 103 1.46 -3.86 22.27
CA SER A 103 0.41 -3.22 23.08
C SER A 103 0.29 -1.75 22.76
N GLY A 104 -0.81 -1.12 23.15
CA GLY A 104 -1.05 0.29 22.90
C GLY A 104 -1.42 0.59 21.45
N VAL A 105 -2.04 -0.38 20.79
CA VAL A 105 -2.45 -0.29 19.39
C VAL A 105 -3.92 0.11 19.29
N ASP A 106 -4.23 0.97 18.30
CA ASP A 106 -5.59 1.46 18.08
C ASP A 106 -6.55 0.35 17.61
N ALA A 107 -7.86 0.47 17.93
CA ALA A 107 -8.90 -0.53 17.53
C ALA A 107 -8.99 -0.74 16.01
N GLU A 108 -8.68 0.31 15.21
CA GLU A 108 -8.68 0.19 13.74
C GLU A 108 -7.72 -0.92 13.27
N ILE A 109 -6.69 -1.22 14.06
CA ILE A 109 -5.69 -2.22 13.71
C ILE A 109 -5.94 -3.55 14.36
N THR A 110 -6.19 -3.57 15.69
CA THR A 110 -6.37 -4.83 16.41
C THR A 110 -7.69 -5.52 16.11
N THR A 111 -8.73 -4.75 15.80
CA THR A 111 -10.05 -5.33 15.72
C THR A 111 -10.84 -5.14 14.47
N THR A 112 -10.83 -3.93 13.91
CA THR A 112 -11.66 -3.61 12.75
C THR A 112 -11.10 -4.21 11.48
N ALA A 113 -11.92 -4.99 10.75
CA ALA A 113 -11.52 -5.51 9.44
C ALA A 113 -12.08 -4.56 8.40
N GLY A 114 -11.22 -4.08 7.50
CA GLY A 114 -11.66 -3.13 6.50
C GLY A 114 -10.58 -2.68 5.54
N PRO A 115 -10.94 -1.94 4.48
CA PRO A 115 -9.94 -1.52 3.47
C PRO A 115 -8.79 -0.68 4.03
N GLN A 116 -7.60 -0.74 3.37
CA GLN A 116 -6.46 0.08 3.76
C GLN A 116 -6.01 0.79 2.50
N LEU A 117 -5.98 2.12 2.53
CA LEU A 117 -5.66 2.93 1.35
C LEU A 117 -4.20 3.36 1.33
N VAL A 118 -3.52 3.27 0.18
CA VAL A 118 -2.09 3.66 0.07
C VAL A 118 -2.04 4.84 -0.88
N VAL A 119 -1.38 5.93 -0.45
CA VAL A 119 -1.31 7.17 -1.24
CA VAL A 119 -1.32 7.17 -1.24
C VAL A 119 0.08 7.82 -1.23
N PRO A 120 0.58 8.39 -2.38
CA PRO A 120 1.89 9.05 -2.37
C PRO A 120 1.83 10.30 -1.48
N VAL A 121 2.74 10.37 -0.52
CA VAL A 121 2.76 11.49 0.41
C VAL A 121 3.17 12.84 -0.23
N LEU A 122 3.82 12.81 -1.40
CA LEU A 122 4.23 14.03 -2.08
C LEU A 122 3.06 14.78 -2.72
N ASN A 123 1.88 14.14 -2.84
CA ASN A 123 0.71 14.78 -3.45
C ASN A 123 -0.24 15.21 -2.33
N ALA A 124 -0.21 16.48 -1.95
CA ALA A 124 -1.02 16.96 -0.83
C ALA A 124 -2.51 16.73 -1.03
N ARG A 125 -3.03 16.96 -2.24
CA ARG A 125 -4.45 16.75 -2.53
C ARG A 125 -4.87 15.32 -2.32
N PHE A 126 -4.07 14.37 -2.87
CA PHE A 126 -4.39 12.95 -2.72
C PHE A 126 -4.26 12.52 -1.25
N ALA A 127 -3.23 13.03 -0.52
CA ALA A 127 -3.03 12.70 0.89
C ALA A 127 -4.21 13.18 1.72
N LEU A 128 -4.71 14.39 1.45
CA LEU A 128 -5.89 14.94 2.12
C LEU A 128 -7.15 14.08 1.88
N ASN A 129 -7.46 13.77 0.62
CA ASN A 129 -8.59 12.90 0.24
C ASN A 129 -8.51 11.53 0.89
N ALA A 130 -7.29 10.96 0.96
CA ALA A 130 -7.04 9.68 1.60
C ALA A 130 -7.32 9.73 3.09
N ALA A 131 -6.80 10.74 3.82
CA ALA A 131 -7.04 10.89 5.25
C ALA A 131 -8.55 11.03 5.53
N ASN A 132 -9.26 11.69 4.61
CA ASN A 132 -10.71 11.92 4.65
C ASN A 132 -11.59 10.75 4.15
N ALA A 133 -10.97 9.73 3.54
CA ALA A 133 -11.67 8.58 2.97
C ALA A 133 -12.22 7.57 4.01
N ARG A 134 -12.13 7.84 5.34
CA ARG A 134 -12.70 6.98 6.39
C ARG A 134 -14.20 6.83 6.12
N TRP A 135 -14.82 7.89 5.60
CA TRP A 135 -16.23 7.88 5.28
C TRP A 135 -16.34 8.21 3.80
N GLY A 136 -17.06 7.37 3.06
CA GLY A 136 -17.22 7.61 1.63
C GLY A 136 -18.63 7.34 1.17
N SER A 137 -19.09 8.08 0.16
CA SER A 137 -20.43 7.92 -0.41
C SER A 137 -20.54 6.67 -1.29
N LEU A 138 -21.42 5.74 -0.91
CA LEU A 138 -21.68 4.59 -1.77
C LEU A 138 -22.38 5.02 -3.07
N TYR A 139 -23.26 6.03 -3.02
CA TYR A 139 -23.93 6.47 -4.26
C TYR A 139 -22.96 7.03 -5.28
N ASP A 140 -21.96 7.80 -4.81
CA ASP A 140 -20.94 8.37 -5.69
C ASP A 140 -20.09 7.29 -6.27
N ALA A 141 -19.70 6.29 -5.45
CA ALA A 141 -18.84 5.20 -5.90
C ALA A 141 -19.55 4.31 -6.93
N LEU A 142 -20.85 4.08 -6.77
CA LEU A 142 -21.59 3.25 -7.73
C LEU A 142 -21.91 4.04 -9.01
N TYR A 143 -22.41 5.28 -8.87
CA TYR A 143 -22.75 6.10 -10.04
C TYR A 143 -21.54 6.38 -10.92
N GLY A 144 -20.42 6.73 -10.30
CA GLY A 144 -19.23 7.16 -11.02
C GLY A 144 -18.36 6.08 -11.62
N THR A 145 -18.65 4.78 -11.35
CA THR A 145 -17.83 3.67 -11.83
C THR A 145 -18.64 2.69 -12.64
N ASP A 146 -17.95 1.68 -13.21
CA ASP A 146 -18.63 0.66 -13.99
C ASP A 146 -19.29 -0.43 -13.15
N VAL A 147 -19.37 -0.26 -11.81
CA VAL A 147 -20.09 -1.23 -10.97
C VAL A 147 -21.56 -1.25 -11.49
N ILE A 148 -22.10 -0.08 -11.85
CA ILE A 148 -23.45 -0.05 -12.44
C ILE A 148 -23.16 -0.01 -13.96
N PRO A 149 -23.48 -1.08 -14.72
CA PRO A 149 -23.11 -1.07 -16.16
C PRO A 149 -23.71 0.09 -16.95
N GLU A 150 -22.96 0.58 -17.95
CA GLU A 150 -23.39 1.67 -18.82
C GLU A 150 -24.14 1.08 -20.02
N THR A 151 -25.16 0.26 -19.74
CA THR A 151 -26.01 -0.35 -20.75
C THR A 151 -26.89 0.74 -21.34
N ASP A 152 -27.58 0.43 -22.46
CA ASP A 152 -28.51 1.32 -23.16
C ASP A 152 -29.50 1.86 -22.11
N GLY A 153 -29.49 3.17 -21.90
CA GLY A 153 -30.36 3.83 -20.93
C GLY A 153 -29.69 4.29 -19.63
N ALA A 154 -28.73 3.48 -19.12
CA ALA A 154 -28.03 3.78 -17.86
C ALA A 154 -26.67 4.42 -18.05
N GLU A 155 -26.42 5.10 -19.18
CA GLU A 155 -25.12 5.73 -19.41
C GLU A 155 -24.94 7.06 -18.68
N LYS A 156 -23.67 7.40 -18.40
CA LYS A 156 -23.31 8.67 -17.78
C LYS A 156 -23.25 9.72 -18.88
N GLY A 157 -23.65 10.93 -18.55
CA GLY A 157 -23.60 12.06 -19.47
C GLY A 157 -23.16 13.31 -18.75
N PRO A 158 -23.32 14.50 -19.37
CA PRO A 158 -22.94 15.75 -18.67
C PRO A 158 -23.86 16.04 -17.48
N THR A 159 -25.11 15.56 -17.53
CA THR A 159 -26.10 15.76 -16.46
C THR A 159 -26.51 14.43 -15.79
N TYR A 160 -27.23 14.51 -14.66
CA TYR A 160 -27.72 13.34 -13.92
C TYR A 160 -28.69 12.47 -14.74
N ASN A 161 -28.38 11.17 -14.85
CA ASN A 161 -29.25 10.22 -15.53
C ASN A 161 -30.05 9.51 -14.43
N LYS A 162 -31.38 9.73 -14.43
CA LYS A 162 -32.33 9.16 -13.46
C LYS A 162 -32.44 7.64 -13.57
N VAL A 163 -32.31 7.07 -14.80
CA VAL A 163 -32.36 5.60 -14.96
C VAL A 163 -31.13 4.98 -14.27
N ARG A 164 -29.97 5.62 -14.43
CA ARG A 164 -28.75 5.17 -13.76
C ARG A 164 -28.86 5.41 -12.24
N GLY A 165 -29.37 6.56 -11.84
CA GLY A 165 -29.57 6.88 -10.42
C GLY A 165 -30.43 5.85 -9.71
N ASP A 166 -31.51 5.37 -10.38
CA ASP A 166 -32.41 4.35 -9.85
C ASP A 166 -31.70 3.01 -9.67
N LYS A 167 -30.77 2.66 -10.59
CA LYS A 167 -29.98 1.43 -10.47
C LYS A 167 -29.04 1.53 -9.27
N VAL A 168 -28.46 2.73 -9.03
CA VAL A 168 -27.56 2.96 -7.88
C VAL A 168 -28.37 2.74 -6.60
N ILE A 169 -29.57 3.30 -6.55
CA ILE A 169 -30.46 3.21 -5.37
C ILE A 169 -30.82 1.74 -5.09
N ALA A 170 -31.22 0.99 -6.13
CA ALA A 170 -31.58 -0.42 -6.02
C ALA A 170 -30.41 -1.27 -5.53
N TYR A 171 -29.21 -1.01 -6.05
CA TYR A 171 -28.00 -1.74 -5.64
C TYR A 171 -27.77 -1.51 -4.14
N ALA A 172 -27.86 -0.24 -3.69
CA ALA A 172 -27.64 0.09 -2.27
C ALA A 172 -28.72 -0.51 -1.38
N ARG A 173 -30.00 -0.57 -1.82
CA ARG A 173 -31.09 -1.20 -1.04
C ARG A 173 -30.82 -2.68 -0.83
N LYS A 174 -30.31 -3.36 -1.87
CA LYS A 174 -29.96 -4.79 -1.81
C LYS A 174 -28.78 -4.95 -0.84
N PHE A 175 -27.78 -4.05 -0.90
CA PHE A 175 -26.64 -4.08 0.05
C PHE A 175 -27.21 -4.01 1.52
N LEU A 176 -28.14 -3.08 1.77
CA LEU A 176 -28.73 -2.95 3.11
C LEU A 176 -29.47 -4.23 3.56
N ASP A 177 -30.26 -4.83 2.66
CA ASP A 177 -30.97 -6.08 2.97
C ASP A 177 -30.00 -7.18 3.33
N ASP A 178 -28.85 -7.27 2.63
CA ASP A 178 -27.87 -8.32 2.86
C ASP A 178 -27.06 -8.08 4.12
N SER A 179 -26.89 -6.83 4.52
CA SER A 179 -26.02 -6.44 5.64
C SER A 179 -26.70 -6.21 6.98
N VAL A 180 -27.83 -5.50 6.98
CA VAL A 180 -28.57 -5.15 8.19
C VAL A 180 -30.03 -5.60 7.92
N PRO A 181 -30.31 -6.92 7.84
CA PRO A 181 -31.65 -7.35 7.43
C PRO A 181 -32.80 -6.92 8.33
N LEU A 182 -33.94 -6.61 7.70
CA LEU A 182 -35.15 -6.25 8.44
C LEU A 182 -35.78 -7.53 8.98
N SER A 183 -36.56 -7.43 10.08
CA SER A 183 -37.25 -8.59 10.67
C SER A 183 -38.22 -9.18 9.65
N SER A 184 -38.87 -8.31 8.85
CA SER A 184 -39.78 -8.69 7.75
C SER A 184 -39.71 -7.62 6.69
N GLY A 185 -39.79 -8.03 5.43
CA GLY A 185 -39.74 -7.10 4.32
C GLY A 185 -38.34 -6.71 3.90
N SER A 186 -38.28 -5.78 2.94
CA SER A 186 -37.05 -5.28 2.33
C SER A 186 -36.90 -3.78 2.47
N PHE A 187 -35.63 -3.30 2.55
CA PHE A 187 -35.34 -1.86 2.56
C PHE A 187 -35.80 -1.21 1.27
N GLY A 188 -35.88 -1.99 0.18
CA GLY A 188 -36.36 -1.45 -1.09
C GLY A 188 -37.79 -0.95 -1.01
N ASP A 189 -38.56 -1.45 0.00
CA ASP A 189 -39.96 -1.07 0.23
C ASP A 189 -40.16 -0.07 1.38
N ALA A 190 -39.05 0.34 2.05
CA ALA A 190 -39.11 1.33 3.14
C ALA A 190 -39.73 2.66 2.70
N THR A 191 -40.56 3.26 3.56
CA THR A 191 -41.16 4.57 3.29
C THR A 191 -40.65 5.60 4.31
N GLY A 192 -40.01 5.12 5.37
CA GLY A 192 -39.52 6.00 6.43
C GLY A 192 -38.84 5.26 7.54
N PHE A 193 -38.15 6.03 8.40
CA PHE A 193 -37.41 5.52 9.54
C PHE A 193 -37.73 6.39 10.75
N THR A 194 -37.86 5.76 11.92
CA THR A 194 -38.12 6.47 13.18
C THR A 194 -37.39 5.74 14.29
N VAL A 195 -37.14 6.44 15.40
CA VAL A 195 -36.50 5.85 16.59
C VAL A 195 -37.59 5.88 17.68
N GLN A 196 -38.07 4.71 18.09
CA GLN A 196 -39.14 4.61 19.11
C GLN A 196 -38.65 3.77 20.26
N ASP A 197 -38.67 4.33 21.48
CA ASP A 197 -38.20 3.67 22.71
C ASP A 197 -36.77 3.08 22.50
N GLY A 198 -35.91 3.89 21.85
CA GLY A 198 -34.52 3.54 21.53
C GLY A 198 -34.31 2.42 20.55
N GLN A 199 -35.30 2.15 19.68
CA GLN A 199 -35.28 1.08 18.68
C GLN A 199 -35.57 1.65 17.31
N LEU A 200 -34.87 1.16 16.26
CA LEU A 200 -35.12 1.64 14.90
C LEU A 200 -36.40 0.98 14.38
N VAL A 201 -37.35 1.79 13.93
CA VAL A 201 -38.60 1.31 13.36
C VAL A 201 -38.62 1.70 11.88
N VAL A 202 -38.71 0.71 10.98
CA VAL A 202 -38.73 0.98 9.54
C VAL A 202 -40.17 0.84 9.03
N ALA A 203 -40.71 1.89 8.37
CA ALA A 203 -42.07 1.82 7.82
C ALA A 203 -42.10 1.21 6.42
N LEU A 204 -42.92 0.17 6.24
CA LEU A 204 -43.13 -0.54 4.98
C LEU A 204 -44.53 -0.09 4.47
N PRO A 205 -44.97 -0.34 3.22
CA PRO A 205 -46.31 0.16 2.81
C PRO A 205 -47.46 -0.31 3.69
N ASP A 206 -47.46 -1.60 4.06
CA ASP A 206 -48.50 -2.27 4.84
C ASP A 206 -48.31 -2.30 6.35
N LYS A 207 -47.06 -2.47 6.81
CA LYS A 207 -46.72 -2.59 8.22
C LYS A 207 -45.45 -1.83 8.60
N SER A 208 -45.00 -2.01 9.86
CA SER A 208 -43.77 -1.46 10.41
C SER A 208 -42.92 -2.65 10.86
N THR A 209 -41.59 -2.48 10.84
CA THR A 209 -40.69 -3.58 11.24
C THR A 209 -39.47 -2.98 11.91
N GLY A 210 -38.79 -3.82 12.68
CA GLY A 210 -37.52 -3.47 13.29
C GLY A 210 -36.46 -4.26 12.56
N LEU A 211 -35.21 -4.22 13.07
CA LEU A 211 -34.11 -4.99 12.50
C LEU A 211 -34.16 -6.42 13.02
N ALA A 212 -33.71 -7.40 12.20
CA ALA A 212 -33.63 -8.80 12.62
C ALA A 212 -32.69 -8.89 13.84
N ASN A 213 -31.60 -8.09 13.81
CA ASN A 213 -30.64 -7.93 14.91
C ASN A 213 -30.68 -6.45 15.38
N PRO A 214 -31.51 -6.11 16.40
CA PRO A 214 -31.61 -4.70 16.83
C PRO A 214 -30.32 -4.05 17.34
N GLY A 215 -29.31 -4.87 17.63
CA GLY A 215 -27.98 -4.43 18.04
C GLY A 215 -27.21 -3.79 16.91
N GLN A 216 -27.68 -3.98 15.65
CA GLN A 216 -27.06 -3.35 14.48
C GLN A 216 -27.43 -1.88 14.38
N PHE A 217 -28.39 -1.41 15.20
CA PHE A 217 -28.75 0.00 15.24
C PHE A 217 -27.74 0.70 16.17
N ALA A 218 -26.88 1.56 15.62
CA ALA A 218 -25.78 2.24 16.36
C ALA A 218 -26.08 3.65 16.79
N GLY A 219 -26.98 4.29 16.07
CA GLY A 219 -27.35 5.66 16.39
C GLY A 219 -28.06 6.40 15.31
N TYR A 220 -28.20 7.70 15.49
CA TYR A 220 -28.88 8.54 14.53
C TYR A 220 -28.52 9.98 14.71
N THR A 221 -28.97 10.82 13.78
CA THR A 221 -28.83 12.27 13.88
C THR A 221 -30.21 12.88 13.72
N GLY A 222 -30.36 14.12 14.20
CA GLY A 222 -31.63 14.84 14.17
C GLY A 222 -32.61 14.27 15.19
N ALA A 223 -33.90 14.56 15.00
CA ALA A 223 -34.97 14.10 15.91
C ALA A 223 -35.25 12.61 15.82
N ALA A 224 -35.53 11.96 16.97
CA ALA A 224 -35.88 10.53 17.02
C ALA A 224 -37.14 10.21 16.18
N GLU A 225 -38.09 11.15 16.11
CA GLU A 225 -39.35 11.00 15.39
C GLU A 225 -39.17 10.99 13.87
N SER A 226 -38.21 11.77 13.32
CA SER A 226 -37.91 11.81 11.87
C SER A 226 -36.40 12.07 11.72
N PRO A 227 -35.54 11.05 11.95
CA PRO A 227 -34.09 11.31 11.93
C PRO A 227 -33.56 11.85 10.61
N THR A 228 -32.49 12.69 10.66
CA THR A 228 -31.82 13.21 9.45
C THR A 228 -30.86 12.12 8.91
N SER A 229 -30.48 11.16 9.77
CA SER A 229 -29.67 9.99 9.40
C SER A 229 -29.80 8.86 10.40
N VAL A 230 -29.55 7.66 9.93
CA VAL A 230 -29.62 6.46 10.74
C VAL A 230 -28.27 5.80 10.59
N LEU A 231 -27.66 5.45 11.73
CA LEU A 231 -26.36 4.83 11.78
C LEU A 231 -26.45 3.39 12.18
N LEU A 232 -25.95 2.54 11.31
CA LEU A 232 -25.96 1.09 11.49
C LEU A 232 -24.56 0.54 11.62
N ILE A 233 -24.44 -0.66 12.16
CA ILE A 233 -23.13 -1.32 12.29
C ILE A 233 -23.23 -2.78 11.92
N ASN A 234 -22.28 -3.24 11.11
CA ASN A 234 -22.22 -4.63 10.71
C ASN A 234 -20.78 -5.01 10.58
N HIS A 235 -20.38 -6.11 11.20
CA HIS A 235 -19.00 -6.62 11.21
C HIS A 235 -18.00 -5.53 11.66
N GLY A 236 -18.47 -4.66 12.57
CA GLY A 236 -17.70 -3.57 13.15
C GLY A 236 -17.50 -2.35 12.28
N LEU A 237 -18.14 -2.31 11.10
CA LEU A 237 -18.04 -1.21 10.16
C LEU A 237 -19.38 -0.46 10.13
N HIS A 238 -19.32 0.88 10.14
CA HIS A 238 -20.54 1.71 10.16
C HIS A 238 -21.11 1.97 8.80
N ILE A 239 -22.44 2.14 8.74
CA ILE A 239 -23.20 2.42 7.53
C ILE A 239 -24.10 3.55 7.93
N GLU A 240 -24.10 4.63 7.17
CA GLU A 240 -25.00 5.71 7.55
C GLU A 240 -26.00 6.00 6.41
N ILE A 241 -27.30 5.92 6.70
CA ILE A 241 -28.32 6.22 5.67
C ILE A 241 -28.65 7.68 5.86
N LEU A 242 -28.44 8.52 4.85
CA LEU A 242 -28.76 9.96 4.93
C LEU A 242 -30.17 10.17 4.45
N ILE A 243 -31.04 10.68 5.33
CA ILE A 243 -32.45 10.90 5.02
C ILE A 243 -32.65 12.38 4.75
N ASP A 244 -32.91 12.73 3.48
CA ASP A 244 -33.14 14.10 3.09
C ASP A 244 -34.10 14.20 1.89
N PRO A 245 -35.44 14.23 2.14
CA PRO A 245 -36.41 14.31 1.04
C PRO A 245 -36.35 15.59 0.18
N GLU A 246 -35.70 16.64 0.69
CA GLU A 246 -35.54 17.91 -0.03
C GLU A 246 -34.50 17.87 -1.14
N SER A 247 -33.53 16.91 -1.06
CA SER A 247 -32.45 16.79 -2.04
C SER A 247 -32.98 16.25 -3.37
N GLN A 248 -32.25 16.46 -4.47
CA GLN A 248 -32.68 15.94 -5.78
C GLN A 248 -32.91 14.42 -5.71
N VAL A 249 -31.92 13.64 -5.21
CA VAL A 249 -32.04 12.19 -5.08
C VAL A 249 -33.14 11.80 -4.10
N GLY A 250 -33.16 12.43 -2.93
CA GLY A 250 -34.16 12.14 -1.88
C GLY A 250 -35.60 12.32 -2.35
N THR A 251 -35.83 13.36 -3.16
CA THR A 251 -37.14 13.68 -3.78
C THR A 251 -37.70 12.49 -4.56
N THR A 252 -36.86 11.80 -5.35
CA THR A 252 -37.18 10.64 -6.19
C THR A 252 -37.30 9.34 -5.36
N ASP A 253 -36.69 9.29 -4.16
CA ASP A 253 -36.62 8.10 -3.33
C ASP A 253 -37.89 7.79 -2.53
N ARG A 254 -38.23 6.50 -2.44
CA ARG A 254 -39.42 6.02 -1.71
C ARG A 254 -39.43 6.32 -0.18
N ALA A 255 -38.25 6.47 0.44
CA ALA A 255 -38.11 6.78 1.87
C ALA A 255 -37.37 8.10 2.07
N GLY A 256 -37.17 8.85 0.98
CA GLY A 256 -36.45 10.12 0.99
C GLY A 256 -34.96 9.99 1.25
N VAL A 257 -34.38 8.81 0.98
CA VAL A 257 -32.92 8.58 1.18
C VAL A 257 -32.13 9.36 0.14
N LYS A 258 -31.12 10.11 0.60
CA LYS A 258 -30.27 10.94 -0.26
C LYS A 258 -28.97 10.18 -0.61
N ASP A 259 -28.46 9.35 0.31
CA ASP A 259 -27.20 8.63 0.13
C ASP A 259 -27.02 7.60 1.24
N VAL A 260 -26.09 6.67 0.99
CA VAL A 260 -25.69 5.64 1.94
C VAL A 260 -24.17 5.87 2.06
N ILE A 261 -23.71 6.17 3.28
CA ILE A 261 -22.29 6.46 3.54
C ILE A 261 -21.69 5.27 4.20
N LEU A 262 -20.54 4.81 3.69
CA LEU A 262 -19.89 3.65 4.30
C LEU A 262 -18.64 4.08 4.99
N GLU A 263 -18.34 3.49 6.16
CA GLU A 263 -17.02 3.61 6.77
C GLU A 263 -16.16 2.78 5.81
N SER A 264 -15.14 3.43 5.17
CA SER A 264 -14.36 2.90 4.04
C SER A 264 -12.89 2.68 4.31
N ALA A 265 -12.02 3.71 4.12
CA ALA A 265 -10.60 3.51 4.40
C ALA A 265 -10.39 3.67 5.89
N ILE A 266 -10.36 2.56 6.60
CA ILE A 266 -10.21 2.51 8.08
C ILE A 266 -8.80 3.03 8.46
N THR A 267 -7.82 2.61 7.66
CA THR A 267 -6.43 3.03 7.84
C THR A 267 -5.91 3.46 6.47
N THR A 268 -4.95 4.39 6.46
CA THR A 268 -4.30 4.90 5.27
CA THR A 268 -4.28 4.89 5.26
C THR A 268 -2.78 4.86 5.47
N ILE A 269 -2.05 4.53 4.41
CA ILE A 269 -0.59 4.47 4.46
C ILE A 269 -0.10 5.63 3.63
N MET A 270 0.54 6.64 4.29
CA MET A 270 1.12 7.81 3.61
C MET A 270 2.51 7.32 3.16
N ASP A 271 2.67 7.17 1.86
CA ASP A 271 3.83 6.51 1.30
C ASP A 271 5.01 7.39 0.91
N PHE A 272 6.20 7.05 1.44
CA PHE A 272 7.45 7.74 1.07
C PHE A 272 8.24 6.79 0.15
N GLU A 273 7.69 5.58 -0.08
CA GLU A 273 8.42 4.56 -0.84
C GLU A 273 8.02 4.39 -2.33
N ASP A 274 7.49 3.23 -2.71
CA ASP A 274 7.23 2.87 -4.11
C ASP A 274 6.35 3.78 -4.97
N SER A 275 5.45 4.57 -4.35
CA SER A 275 4.58 5.44 -5.16
C SER A 275 5.11 6.88 -5.29
N VAL A 276 6.30 7.20 -4.75
CA VAL A 276 6.85 8.57 -4.88
C VAL A 276 8.24 8.57 -5.51
N ALA A 277 8.63 9.72 -6.12
CA ALA A 277 9.97 9.92 -6.69
C ALA A 277 10.60 11.04 -5.86
N ALA A 278 11.55 10.70 -4.98
CA ALA A 278 12.20 11.69 -4.12
C ALA A 278 13.68 11.36 -4.07
N VAL A 279 14.48 12.12 -4.80
CA VAL A 279 15.88 11.79 -5.05
C VAL A 279 16.90 12.71 -4.37
N ASP A 280 16.44 13.72 -3.66
CA ASP A 280 17.34 14.68 -3.00
C ASP A 280 16.62 15.33 -1.81
N ALA A 281 17.30 16.24 -1.11
CA ALA A 281 16.72 16.90 0.06
C ALA A 281 15.47 17.70 -0.27
N ALA A 282 15.45 18.44 -1.41
CA ALA A 282 14.28 19.25 -1.81
C ALA A 282 13.01 18.37 -1.93
N ASP A 283 13.12 17.21 -2.60
CA ASP A 283 12.02 16.24 -2.71
C ASP A 283 11.63 15.64 -1.36
N LYS A 284 12.60 15.25 -0.51
CA LYS A 284 12.29 14.65 0.81
C LYS A 284 11.56 15.66 1.68
N VAL A 285 11.96 16.93 1.64
CA VAL A 285 11.32 18.00 2.42
C VAL A 285 9.88 18.21 2.02
N LEU A 286 9.58 18.17 0.71
CA LEU A 286 8.21 18.29 0.23
C LEU A 286 7.31 17.20 0.86
N GLY A 287 7.82 15.97 0.91
CA GLY A 287 7.14 14.84 1.53
C GLY A 287 7.04 14.99 3.04
N TYR A 288 8.14 15.29 3.70
CA TYR A 288 8.13 15.50 5.15
C TYR A 288 7.15 16.59 5.55
N ARG A 289 7.10 17.67 4.77
CA ARG A 289 6.19 18.78 5.07
C ARG A 289 4.71 18.38 4.98
N ASN A 290 4.34 17.54 4.00
CA ASN A 290 2.98 17.02 3.88
C ASN A 290 2.65 16.13 5.06
N TRP A 291 3.59 15.25 5.45
CA TRP A 291 3.42 14.35 6.60
C TRP A 291 3.24 15.19 7.88
N LEU A 292 3.97 16.29 7.97
CA LEU A 292 3.88 17.20 9.12
C LEU A 292 2.50 17.88 9.17
N GLY A 293 2.03 18.38 8.02
CA GLY A 293 0.72 19.03 7.89
C GLY A 293 -0.40 18.08 8.25
N LEU A 294 -0.24 16.79 7.90
CA LEU A 294 -1.23 15.75 8.24
C LEU A 294 -1.25 15.51 9.75
N ASN A 295 -0.08 15.43 10.38
CA ASN A 295 0.00 15.16 11.82
C ASN A 295 -0.42 16.35 12.67
N LYS A 296 -0.14 17.58 12.21
CA LYS A 296 -0.55 18.81 12.91
C LYS A 296 -2.01 19.13 12.63
N GLY A 297 -2.56 18.52 11.61
CA GLY A 297 -3.94 18.67 11.20
C GLY A 297 -4.26 19.92 10.40
N ASP A 298 -3.22 20.63 9.92
CA ASP A 298 -3.41 21.86 9.19
C ASP A 298 -3.10 21.79 7.72
N LEU A 299 -2.79 20.59 7.19
CA LEU A 299 -2.53 20.45 5.74
C LEU A 299 -3.80 20.93 5.04
N ALA A 300 -3.63 21.84 4.09
CA ALA A 300 -4.75 22.41 3.36
C ALA A 300 -4.36 22.68 1.92
N ALA A 301 -5.22 22.29 0.97
CA ALA A 301 -5.00 22.49 -0.46
C ALA A 301 -6.15 23.29 -1.05
N LEU A 311 -10.71 25.99 -0.03
CA LEU A 311 -9.76 25.30 0.85
C LEU A 311 -10.21 23.89 1.22
N ARG A 312 -9.43 22.88 0.81
CA ARG A 312 -9.64 21.48 1.16
C ARG A 312 -8.84 21.23 2.44
N VAL A 313 -9.50 20.74 3.50
CA VAL A 313 -8.91 20.47 4.83
C VAL A 313 -9.28 19.09 5.38
N LEU A 314 -8.66 18.70 6.51
CA LEU A 314 -8.93 17.44 7.20
C LEU A 314 -10.27 17.48 7.93
N ASN A 315 -11.02 16.38 7.87
CA ASN A 315 -12.34 16.29 8.51
C ASN A 315 -12.28 16.15 10.02
N ARG A 316 -13.33 16.62 10.69
CA ARG A 316 -13.42 16.48 12.14
C ARG A 316 -14.20 15.20 12.48
N ASP A 317 -14.25 14.84 13.75
CA ASP A 317 -14.97 13.65 14.18
C ASP A 317 -16.49 13.84 13.93
N ARG A 318 -17.25 12.72 13.88
CA ARG A 318 -18.67 12.79 13.53
C ARG A 318 -19.54 12.62 14.75
N ASN A 319 -20.51 13.52 14.95
CA ASN A 319 -21.41 13.50 16.09
C ASN A 319 -22.67 12.68 15.86
N TYR A 320 -23.00 11.79 16.82
CA TYR A 320 -24.25 11.00 16.73
C TYR A 320 -24.97 10.95 18.08
N THR A 321 -26.27 10.62 18.03
CA THR A 321 -27.10 10.36 19.20
C THR A 321 -27.21 8.87 19.29
N ALA A 322 -26.93 8.30 20.47
CA ALA A 322 -26.97 6.86 20.72
C ALA A 322 -28.44 6.36 20.68
N PRO A 323 -28.72 5.06 20.45
CA PRO A 323 -30.14 4.63 20.42
C PRO A 323 -30.98 5.16 21.59
N GLY A 324 -30.40 5.13 22.80
CA GLY A 324 -31.02 5.62 24.03
C GLY A 324 -31.24 7.12 24.15
N GLY A 325 -30.48 7.93 23.42
CA GLY A 325 -30.64 9.39 23.46
C GLY A 325 -29.43 10.24 23.83
N GLY A 326 -28.41 9.61 24.41
CA GLY A 326 -27.16 10.28 24.79
C GLY A 326 -26.28 10.58 23.58
N GLN A 327 -25.14 11.22 23.81
CA GLN A 327 -24.27 11.63 22.70
C GLN A 327 -22.98 10.83 22.61
N PHE A 328 -22.47 10.67 21.36
CA PHE A 328 -21.17 10.02 21.13
C PHE A 328 -20.55 10.52 19.84
N THR A 329 -19.26 10.21 19.65
CA THR A 329 -18.54 10.62 18.45
CA THR A 329 -18.54 10.60 18.42
C THR A 329 -17.85 9.39 17.83
N LEU A 330 -17.53 9.48 16.54
CA LEU A 330 -16.81 8.45 15.80
C LEU A 330 -15.68 9.16 15.03
N PRO A 331 -14.52 8.49 14.84
CA PRO A 331 -13.43 9.12 14.06
C PRO A 331 -13.85 9.56 12.68
N GLY A 332 -13.49 10.78 12.33
CA GLY A 332 -13.80 11.32 11.01
C GLY A 332 -12.69 11.06 10.03
N ARG A 333 -11.54 10.60 10.52
CA ARG A 333 -10.39 10.42 9.63
C ARG A 333 -9.85 9.02 9.67
N SER A 334 -9.11 8.66 8.60
CA SER A 334 -8.47 7.36 8.56
CA SER A 334 -8.46 7.39 8.53
C SER A 334 -7.28 7.39 9.53
N LEU A 335 -7.00 6.25 10.19
CA LEU A 335 -5.84 6.16 11.10
C LEU A 335 -4.62 6.08 10.18
N MET A 336 -3.64 6.97 10.38
CA MET A 336 -2.51 7.02 9.45
C MET A 336 -1.28 6.24 9.84
N PHE A 337 -0.73 5.53 8.85
CA PHE A 337 0.58 4.89 8.91
C PHE A 337 1.43 5.74 7.99
N VAL A 338 2.74 5.59 8.11
CA VAL A 338 3.69 6.17 7.18
C VAL A 338 4.56 5.03 6.64
N ARG A 339 4.75 4.93 5.31
CA ARG A 339 5.66 3.87 4.81
C ARG A 339 6.99 4.53 4.52
N ASN A 340 8.02 4.13 5.28
CA ASN A 340 9.38 4.61 5.12
C ASN A 340 10.05 3.85 3.97
N VAL A 341 11.20 4.34 3.49
CA VAL A 341 11.93 3.53 2.48
C VAL A 341 12.62 2.34 3.22
N GLY A 342 13.06 1.34 2.46
CA GLY A 342 13.73 0.17 2.99
C GLY A 342 15.22 0.39 3.21
N HIS A 343 15.95 -0.68 3.55
CA HIS A 343 17.37 -0.64 3.89
C HIS A 343 18.37 -0.32 2.75
N LEU A 344 17.94 -0.40 1.50
CA LEU A 344 18.89 -0.25 0.39
C LEU A 344 19.54 1.10 0.10
N MET A 345 18.73 2.07 -0.18
CA MET A 345 19.17 3.33 -0.76
C MET A 345 19.83 4.33 0.15
N THR A 346 20.75 5.13 -0.42
CA THR A 346 21.33 6.24 0.30
C THR A 346 20.71 7.47 -0.38
N ASN A 347 20.76 8.64 0.28
CA ASN A 347 20.23 9.85 -0.32
C ASN A 347 21.24 10.97 0.00
N ASP A 348 21.52 11.86 -0.93
CA ASP A 348 22.50 12.93 -0.65
C ASP A 348 21.94 14.06 0.21
N ALA A 349 20.69 13.91 0.75
CA ALA A 349 20.13 14.91 1.68
C ALA A 349 21.09 15.08 2.85
N ILE A 350 21.81 13.99 3.21
CA ILE A 350 22.86 14.01 4.22
C ILE A 350 24.06 13.24 3.66
N VAL A 351 25.24 13.87 3.70
CA VAL A 351 26.49 13.24 3.28
C VAL A 351 27.45 13.27 4.46
N ASP A 352 28.36 12.33 4.54
CA ASP A 352 29.30 12.38 5.65
C ASP A 352 30.54 13.21 5.21
N THR A 353 31.54 13.38 6.09
CA THR A 353 32.74 14.18 5.71
C THR A 353 33.43 13.68 4.43
N ASP A 354 33.46 12.34 4.19
CA ASP A 354 34.03 11.71 3.00
C ASP A 354 33.20 11.91 1.72
N GLY A 355 32.00 12.49 1.83
CA GLY A 355 31.11 12.72 0.69
C GLY A 355 30.17 11.57 0.45
N SER A 356 30.23 10.54 1.32
CA SER A 356 29.39 9.35 1.28
C SER A 356 27.95 9.70 1.66
N GLU A 357 26.97 9.21 0.90
CA GLU A 357 25.56 9.53 1.22
C GLU A 357 25.08 8.68 2.40
N VAL A 358 24.11 9.19 3.17
CA VAL A 358 23.58 8.51 4.34
C VAL A 358 22.43 7.60 3.91
N PHE A 359 22.26 6.45 4.61
CA PHE A 359 21.17 5.50 4.35
C PHE A 359 19.84 6.19 4.58
N GLU A 360 18.98 6.13 3.58
CA GLU A 360 17.69 6.81 3.57
C GLU A 360 16.70 6.25 4.61
N GLY A 361 16.71 4.95 4.82
CA GLY A 361 15.86 4.27 5.80
C GLY A 361 16.14 4.77 7.21
N ILE A 362 17.44 4.97 7.53
CA ILE A 362 17.85 5.50 8.84
C ILE A 362 17.26 6.92 9.00
N MET A 363 17.45 7.75 7.96
CA MET A 363 16.95 9.12 7.94
CA MET A 363 16.93 9.12 7.92
C MET A 363 15.43 9.17 8.04
N ASP A 364 14.72 8.30 7.29
CA ASP A 364 13.25 8.26 7.36
C ASP A 364 12.77 7.93 8.76
N ALA A 365 13.44 7.00 9.47
CA ALA A 365 13.02 6.65 10.84
C ALA A 365 13.13 7.85 11.78
N LEU A 366 14.20 8.62 11.65
CA LEU A 366 14.42 9.80 12.47
C LEU A 366 13.43 10.90 12.15
N PHE A 367 13.30 11.26 10.87
CA PHE A 367 12.44 12.37 10.44
C PHE A 367 10.95 12.07 10.45
N THR A 368 10.51 10.91 9.94
CA THR A 368 9.06 10.60 10.00
C THR A 368 8.61 10.32 11.44
N GLY A 369 9.51 9.77 12.26
CA GLY A 369 9.24 9.48 13.66
C GLY A 369 9.11 10.78 14.44
N LEU A 370 10.03 11.74 14.20
CA LEU A 370 9.97 13.05 14.81
C LEU A 370 8.65 13.73 14.48
N ILE A 371 8.32 13.79 13.18
CA ILE A 371 7.09 14.43 12.71
C ILE A 371 5.83 13.78 13.28
N ALA A 372 5.84 12.45 13.45
CA ALA A 372 4.67 11.69 13.96
C ALA A 372 4.30 12.06 15.41
N ILE A 373 5.27 12.68 16.16
CA ILE A 373 5.01 13.13 17.53
C ILE A 373 3.86 14.11 17.55
N HIS A 374 3.79 15.00 16.53
CA HIS A 374 2.71 16.00 16.38
C HIS A 374 1.30 15.38 16.30
N GLY A 375 1.22 14.15 15.78
CA GLY A 375 -0.05 13.43 15.61
C GLY A 375 -0.54 12.85 16.92
N LEU A 376 0.31 12.83 17.96
CA LEU A 376 -0.03 12.30 19.29
C LEU A 376 -0.48 13.42 20.23
N LYS A 377 -0.57 14.65 19.73
CA LYS A 377 -0.96 15.81 20.53
C LYS A 377 -1.91 16.71 19.81
N ALA A 378 -2.70 17.51 20.58
CA ALA A 378 -3.71 18.44 20.08
C ALA A 378 -3.28 19.24 18.88
N SER A 379 -4.14 19.23 17.82
CA SER A 379 -3.96 19.93 16.54
C SER A 379 -4.11 21.48 16.69
N ASP A 380 -4.81 22.14 15.73
CA ASP A 380 -5.14 23.59 15.64
C ASP A 380 -5.87 23.91 14.34
N GLY A 383 -8.63 20.91 16.74
CA GLY A 383 -8.64 20.83 18.19
C GLY A 383 -8.00 19.56 18.72
N PRO A 384 -8.76 18.43 18.84
CA PRO A 384 -8.18 17.19 19.38
C PRO A 384 -7.02 16.64 18.55
N LEU A 385 -6.15 15.80 19.18
CA LEU A 385 -5.01 15.19 18.50
C LEU A 385 -5.48 14.45 17.25
N ILE A 386 -4.73 14.58 16.15
CA ILE A 386 -5.07 13.98 14.87
C ILE A 386 -5.10 12.46 14.80
N ASN A 387 -4.04 11.79 15.28
CA ASN A 387 -3.89 10.37 15.00
C ASN A 387 -4.15 9.35 16.13
N SER A 388 -3.10 8.72 16.64
CA SER A 388 -3.21 7.68 17.67
C SER A 388 -3.60 8.17 19.08
N ARG A 389 -4.77 7.75 19.55
CA ARG A 389 -5.21 8.07 20.92
C ARG A 389 -4.50 7.20 21.97
N THR A 390 -3.98 6.03 21.54
CA THR A 390 -3.31 5.09 22.42
C THR A 390 -1.80 5.33 22.57
N GLY A 391 -1.27 6.29 21.79
CA GLY A 391 0.12 6.70 21.91
C GLY A 391 1.14 5.96 21.04
N SER A 392 0.72 5.39 19.91
CA SER A 392 1.63 4.66 18.99
C SER A 392 1.93 5.46 17.71
N ILE A 393 3.07 5.16 17.06
CA ILE A 393 3.47 5.75 15.78
C ILE A 393 3.54 4.55 14.86
N TYR A 394 2.85 4.59 13.73
CA TYR A 394 2.73 3.39 12.89
C TYR A 394 3.58 3.51 11.64
N ILE A 395 4.65 2.72 11.56
CA ILE A 395 5.54 2.79 10.40
C ILE A 395 5.51 1.49 9.62
N VAL A 396 5.35 1.58 8.31
CA VAL A 396 5.41 0.36 7.49
C VAL A 396 6.87 0.28 7.01
N LYS A 397 7.52 -0.87 7.17
CA LYS A 397 8.88 -1.05 6.71
C LYS A 397 8.90 -2.04 5.54
N PRO A 398 9.18 -1.56 4.33
CA PRO A 398 9.13 -2.46 3.18
C PRO A 398 10.46 -3.13 2.87
N LYS A 399 10.41 -4.13 1.99
CA LYS A 399 11.56 -4.76 1.34
C LYS A 399 12.61 -5.34 2.27
N MET A 400 12.19 -5.87 3.42
CA MET A 400 13.17 -6.48 4.32
C MET A 400 13.37 -7.90 3.88
N HIS A 401 14.62 -8.41 4.01
CA HIS A 401 14.98 -9.77 3.63
C HIS A 401 15.42 -10.56 4.87
N GLY A 402 14.49 -11.30 5.46
CA GLY A 402 14.83 -12.19 6.57
C GLY A 402 14.84 -11.58 7.95
N PRO A 403 14.91 -12.44 8.99
CA PRO A 403 14.78 -11.94 10.37
C PRO A 403 15.90 -11.07 10.93
N ALA A 404 17.15 -11.11 10.38
CA ALA A 404 18.22 -10.23 10.88
C ALA A 404 17.92 -8.80 10.45
N GLU A 405 17.30 -8.63 9.28
CA GLU A 405 16.89 -7.30 8.79
C GLU A 405 15.75 -6.73 9.62
N VAL A 406 14.80 -7.59 10.05
CA VAL A 406 13.71 -7.14 10.95
C VAL A 406 14.31 -6.71 12.31
N ALA A 407 15.23 -7.51 12.84
CA ALA A 407 15.92 -7.23 14.10
C ALA A 407 16.61 -5.86 14.00
N PHE A 408 17.23 -5.55 12.85
CA PHE A 408 17.89 -4.26 12.59
C PHE A 408 16.91 -3.10 12.62
N THR A 409 15.76 -3.26 11.94
CA THR A 409 14.73 -2.21 11.96
C THR A 409 14.28 -1.97 13.41
N CYS A 410 14.12 -3.04 14.22
CA CYS A 410 13.71 -2.88 15.61
CA CYS A 410 13.71 -2.93 15.62
C CYS A 410 14.76 -2.13 16.44
N GLU A 411 16.04 -2.40 16.20
CA GLU A 411 17.14 -1.70 16.88
C GLU A 411 17.17 -0.22 16.47
N LEU A 412 16.96 0.08 15.16
CA LEU A 412 16.91 1.44 14.64
C LEU A 412 15.75 2.20 15.32
N PHE A 413 14.55 1.56 15.42
CA PHE A 413 13.40 2.25 16.04
C PHE A 413 13.68 2.53 17.52
N SER A 414 14.31 1.58 18.23
CA SER A 414 14.66 1.73 19.65
C SER A 414 15.61 2.93 19.79
N ARG A 415 16.64 3.00 18.93
CA ARG A 415 17.60 4.10 18.98
C ARG A 415 16.92 5.44 18.64
N VAL A 416 15.94 5.44 17.70
CA VAL A 416 15.23 6.65 17.33
C VAL A 416 14.36 7.12 18.53
N GLU A 417 13.66 6.18 19.19
CA GLU A 417 12.82 6.51 20.35
C GLU A 417 13.63 7.20 21.46
N ASP A 418 14.88 6.74 21.68
CA ASP A 418 15.82 7.34 22.64
C ASP A 418 16.13 8.81 22.26
N VAL A 419 16.43 9.07 20.97
CA VAL A 419 16.72 10.42 20.46
C VAL A 419 15.49 11.34 20.62
N LEU A 420 14.31 10.77 20.38
CA LEU A 420 13.09 11.56 20.42
C LEU A 420 12.48 11.70 21.82
N GLY A 421 13.05 10.98 22.78
CA GLY A 421 12.56 10.98 24.16
C GLY A 421 11.19 10.35 24.29
N LEU A 422 10.92 9.33 23.44
CA LEU A 422 9.64 8.61 23.43
C LEU A 422 9.77 7.33 24.21
N PRO A 423 8.66 6.82 24.80
CA PRO A 423 8.73 5.52 25.47
C PRO A 423 9.19 4.46 24.49
N GLN A 424 9.94 3.46 24.96
CA GLN A 424 10.36 2.37 24.11
C GLN A 424 9.11 1.66 23.55
N ASN A 425 9.17 1.19 22.29
CA ASN A 425 8.08 0.51 21.58
C ASN A 425 6.92 1.41 21.15
N THR A 426 7.09 2.74 21.20
CA THR A 426 6.10 3.69 20.67
C THR A 426 5.96 3.46 19.14
N MET A 427 7.11 3.29 18.47
CA MET A 427 7.22 3.11 17.02
C MET A 427 6.89 1.68 16.64
N LYS A 428 5.68 1.50 16.11
CA LYS A 428 5.20 0.19 15.71
C LYS A 428 5.62 -0.13 14.26
N ILE A 429 5.66 -1.40 13.89
CA ILE A 429 6.07 -1.84 12.56
C ILE A 429 5.01 -2.63 11.81
N GLY A 430 4.69 -2.16 10.62
CA GLY A 430 3.88 -2.89 9.65
C GLY A 430 4.89 -3.62 8.77
N ILE A 431 4.99 -4.96 8.91
CA ILE A 431 5.95 -5.75 8.14
C ILE A 431 5.41 -6.08 6.74
N MET A 432 6.12 -5.64 5.69
CA MET A 432 5.73 -6.12 4.35
C MET A 432 6.39 -7.48 4.16
N ASP A 433 5.62 -8.52 3.78
CA ASP A 433 6.19 -9.83 3.44
C ASP A 433 6.21 -9.74 1.90
N GLU A 434 7.33 -9.25 1.36
CA GLU A 434 7.40 -8.97 -0.08
C GLU A 434 8.73 -9.34 -0.71
N GLU A 435 9.48 -10.18 -0.01
CA GLU A 435 10.80 -10.69 -0.42
C GLU A 435 10.87 -12.15 0.01
N ARG A 436 11.37 -13.01 -0.88
CA ARG A 436 11.45 -14.47 -0.66
C ARG A 436 12.10 -14.86 0.64
N ARG A 437 13.22 -14.25 1.00
CA ARG A 437 13.92 -14.59 2.24
C ARG A 437 13.08 -14.27 3.51
N THR A 438 12.08 -13.37 3.38
CA THR A 438 11.13 -13.07 4.46
C THR A 438 10.05 -14.18 4.45
N THR A 439 9.43 -14.45 3.28
CA THR A 439 8.39 -15.47 3.12
C THR A 439 8.81 -16.80 3.78
N VAL A 440 10.00 -17.30 3.44
CA VAL A 440 10.47 -18.61 3.92
C VAL A 440 10.89 -18.64 5.39
N ASN A 441 11.06 -17.47 6.01
CA ASN A 441 11.45 -17.32 7.42
C ASN A 441 10.45 -16.44 8.13
N LEU A 442 9.18 -16.45 7.66
CA LEU A 442 8.17 -15.53 8.15
C LEU A 442 7.94 -15.58 9.65
N LYS A 443 7.84 -16.77 10.24
CA LYS A 443 7.64 -16.91 11.68
C LYS A 443 8.79 -16.22 12.48
N ALA A 444 10.06 -16.41 12.08
CA ALA A 444 11.22 -15.77 12.73
C ALA A 444 11.22 -14.25 12.55
N CYS A 445 10.73 -13.76 11.37
CA CYS A 445 10.60 -12.31 11.11
C CYS A 445 9.59 -11.68 12.06
N ILE A 446 8.40 -12.31 12.27
CA ILE A 446 7.38 -11.79 13.19
C ILE A 446 7.94 -11.80 14.62
N LYS A 447 8.58 -12.92 15.01
CA LYS A 447 9.21 -13.07 16.33
C LYS A 447 10.23 -11.96 16.61
N ALA A 448 11.07 -11.59 15.62
CA ALA A 448 12.06 -10.53 15.81
C ALA A 448 11.41 -9.19 16.08
N ALA A 449 10.14 -9.02 15.69
CA ALA A 449 9.40 -7.78 15.93
C ALA A 449 8.19 -8.03 16.87
N ALA A 450 8.21 -9.13 17.65
CA ALA A 450 7.07 -9.56 18.48
C ALA A 450 6.41 -8.50 19.38
N ASP A 451 7.18 -7.51 19.88
CA ASP A 451 6.60 -6.45 20.71
C ASP A 451 6.32 -5.15 19.92
N ARG A 452 6.56 -5.13 18.59
CA ARG A 452 6.29 -3.91 17.81
C ARG A 452 5.35 -4.16 16.64
N VAL A 453 5.19 -5.41 16.23
CA VAL A 453 4.44 -5.72 15.00
C VAL A 453 2.95 -5.38 15.06
N VAL A 454 2.45 -4.61 14.07
CA VAL A 454 1.01 -4.26 13.98
C VAL A 454 0.35 -4.85 12.75
N PHE A 455 1.18 -5.29 11.77
CA PHE A 455 0.64 -5.99 10.62
C PHE A 455 1.68 -6.76 9.89
N ILE A 456 1.20 -7.72 9.09
CA ILE A 456 1.98 -8.40 8.05
C ILE A 456 1.17 -8.20 6.80
N ASN A 457 1.82 -7.97 5.68
CA ASN A 457 1.00 -7.76 4.47
C ASN A 457 1.74 -8.40 3.30
N THR A 458 1.01 -9.11 2.42
CA THR A 458 1.67 -9.71 1.25
C THR A 458 1.78 -8.68 0.13
N GLY A 459 2.95 -8.05 0.02
CA GLY A 459 3.22 -7.12 -1.09
C GLY A 459 3.58 -7.96 -2.31
N PHE A 460 2.55 -8.53 -2.97
CA PHE A 460 2.71 -9.55 -4.02
C PHE A 460 3.48 -9.10 -5.25
N LEU A 461 3.46 -7.82 -5.56
CA LEU A 461 4.15 -7.29 -6.76
C LEU A 461 5.65 -7.31 -6.52
N ASP A 462 6.13 -6.72 -5.39
CA ASP A 462 7.56 -6.83 -5.08
C ASP A 462 7.95 -8.28 -4.91
N ARG A 463 7.05 -9.10 -4.29
CA ARG A 463 7.37 -10.50 -4.08
C ARG A 463 7.62 -11.25 -5.43
N THR A 464 6.89 -10.88 -6.46
CA THR A 464 7.01 -11.48 -7.81
C THR A 464 8.34 -11.04 -8.42
N GLY A 465 8.70 -9.77 -8.24
CA GLY A 465 9.97 -9.24 -8.71
C GLY A 465 11.13 -9.99 -8.07
N ASP A 466 11.01 -10.23 -6.74
CA ASP A 466 12.05 -10.97 -6.01
C ASP A 466 12.11 -12.43 -6.44
N GLU A 467 10.95 -13.02 -6.74
CA GLU A 467 10.89 -14.41 -7.21
C GLU A 467 11.68 -14.51 -8.55
N ILE A 468 11.46 -13.55 -9.45
CA ILE A 468 12.15 -13.56 -10.76
C ILE A 468 13.65 -13.38 -10.55
N HIS A 469 14.03 -12.35 -9.78
CA HIS A 469 15.47 -12.09 -9.57
C HIS A 469 16.20 -13.24 -8.89
N THR A 470 15.66 -13.79 -7.78
CA THR A 470 16.32 -14.85 -7.04
C THR A 470 16.68 -16.06 -7.92
N SER A 471 15.76 -16.47 -8.78
CA SER A 471 15.96 -17.64 -9.63
C SER A 471 16.27 -17.24 -11.08
N MET A 472 16.81 -16.02 -11.26
CA MET A 472 17.17 -15.48 -12.58
C MET A 472 17.97 -16.49 -13.42
N GLU A 473 18.94 -17.16 -12.80
CA GLU A 473 19.83 -18.12 -13.50
C GLU A 473 19.20 -19.49 -13.75
N ALA A 474 18.03 -19.78 -13.15
CA ALA A 474 17.40 -21.11 -13.28
C ALA A 474 16.84 -21.44 -14.66
N GLY A 475 16.36 -20.43 -15.37
CA GLY A 475 15.76 -20.63 -16.68
C GLY A 475 14.76 -19.54 -16.99
N PRO A 476 14.13 -19.57 -18.17
CA PRO A 476 13.12 -18.56 -18.46
C PRO A 476 11.86 -18.76 -17.61
N MET A 477 11.33 -17.63 -17.13
CA MET A 477 10.14 -17.63 -16.27
C MET A 477 8.87 -17.53 -17.11
N VAL A 478 7.71 -17.89 -16.50
CA VAL A 478 6.41 -17.76 -17.14
C VAL A 478 6.10 -16.30 -17.41
N ARG A 479 5.12 -16.04 -18.26
CA ARG A 479 4.67 -14.71 -18.57
C ARG A 479 4.16 -14.03 -17.29
N LYS A 480 4.22 -12.69 -17.26
CA LYS A 480 3.82 -11.88 -16.10
C LYS A 480 2.37 -12.21 -15.67
N GLY A 481 1.47 -12.36 -16.65
CA GLY A 481 0.06 -12.66 -16.41
C GLY A 481 -0.22 -14.01 -15.78
N THR A 482 0.66 -14.98 -15.99
CA THR A 482 0.59 -16.36 -15.47
C THR A 482 1.05 -16.40 -14.02
N MET A 483 1.87 -15.42 -13.57
CA MET A 483 2.39 -15.43 -12.20
C MET A 483 1.34 -15.53 -11.10
N LYS A 484 0.19 -14.82 -11.24
CA LYS A 484 -0.86 -14.80 -10.20
C LYS A 484 -1.43 -16.17 -9.85
N SER A 485 -1.32 -17.14 -10.78
CA SER A 485 -1.85 -18.49 -10.56
C SER A 485 -0.74 -19.52 -10.30
N GLN A 486 0.52 -19.08 -10.16
CA GLN A 486 1.59 -20.04 -9.94
C GLN A 486 1.57 -20.66 -8.55
N PRO A 487 1.97 -21.95 -8.41
CA PRO A 487 2.00 -22.57 -7.08
C PRO A 487 2.74 -21.76 -6.01
N TRP A 488 3.92 -21.14 -6.31
CA TRP A 488 4.65 -20.39 -5.28
C TRP A 488 3.82 -19.26 -4.63
N ILE A 489 3.06 -18.51 -5.44
CA ILE A 489 2.32 -17.34 -4.96
C ILE A 489 1.09 -17.72 -4.19
N LEU A 490 0.44 -18.82 -4.55
CA LEU A 490 -0.74 -19.31 -3.83
C LEU A 490 -0.26 -19.81 -2.46
N ALA A 491 0.87 -20.51 -2.40
CA ALA A 491 1.43 -20.96 -1.11
C ALA A 491 1.87 -19.73 -0.26
N TYR A 492 2.50 -18.74 -0.89
CA TYR A 492 2.96 -17.51 -0.22
C TYR A 492 1.80 -16.78 0.51
N GLU A 493 0.66 -16.61 -0.18
CA GLU A 493 -0.53 -15.95 0.36
C GLU A 493 -1.09 -16.72 1.56
N ASP A 494 -1.23 -18.03 1.42
CA ASP A 494 -1.76 -18.87 2.51
C ASP A 494 -0.81 -18.93 3.70
N HIS A 495 0.49 -19.10 3.42
CA HIS A 495 1.54 -19.14 4.49
C HIS A 495 1.52 -17.88 5.32
N ASN A 496 1.29 -16.72 4.68
CA ASN A 496 1.27 -15.43 5.35
C ASN A 496 0.16 -15.37 6.36
N VAL A 497 -1.06 -15.75 5.94
CA VAL A 497 -2.22 -15.80 6.84
C VAL A 497 -1.96 -16.80 7.96
N ASP A 498 -1.48 -18.01 7.60
CA ASP A 498 -1.20 -19.04 8.63
C ASP A 498 -0.23 -18.55 9.72
N ALA A 499 0.90 -17.92 9.32
CA ALA A 499 1.92 -17.46 10.29
C ALA A 499 1.38 -16.36 11.19
N GLY A 500 0.60 -15.45 10.62
CA GLY A 500 0.00 -14.38 11.39
C GLY A 500 -1.00 -14.91 12.39
N LEU A 501 -1.90 -15.83 11.95
CA LEU A 501 -2.89 -16.38 12.89
C LEU A 501 -2.24 -17.20 13.99
N ALA A 502 -1.18 -17.95 13.64
CA ALA A 502 -0.44 -18.76 14.61
C ALA A 502 0.28 -17.89 15.64
N ALA A 503 0.70 -16.65 15.26
CA ALA A 503 1.38 -15.70 16.17
C ALA A 503 0.37 -14.88 17.00
N GLY A 504 -0.90 -15.27 16.91
CA GLY A 504 -2.00 -14.63 17.65
C GLY A 504 -2.45 -13.29 17.12
N PHE A 505 -2.36 -13.08 15.78
CA PHE A 505 -2.78 -11.79 15.21
C PHE A 505 -4.27 -11.48 15.38
N SER A 506 -5.17 -12.51 15.42
CA SER A 506 -6.61 -12.22 15.59
C SER A 506 -6.85 -11.48 16.89
N GLY A 507 -7.43 -10.29 16.78
CA GLY A 507 -7.70 -9.40 17.90
C GLY A 507 -6.51 -8.55 18.34
N ARG A 508 -5.31 -8.71 17.68
CA ARG A 508 -4.09 -7.98 18.07
C ARG A 508 -3.38 -7.22 16.94
N ALA A 509 -3.44 -7.75 15.69
CA ALA A 509 -2.71 -7.15 14.55
C ALA A 509 -3.40 -7.51 13.23
N GLN A 510 -3.16 -6.69 12.18
CA GLN A 510 -3.77 -6.92 10.87
C GLN A 510 -3.02 -7.96 10.10
N VAL A 511 -3.78 -8.77 9.33
CA VAL A 511 -3.24 -9.75 8.36
C VAL A 511 -3.72 -9.13 7.04
N GLY A 512 -2.81 -8.54 6.29
CA GLY A 512 -3.16 -7.80 5.06
C GLY A 512 -2.77 -8.44 3.75
N LYS A 513 -3.52 -8.05 2.70
CA LYS A 513 -3.28 -8.54 1.35
C LYS A 513 -3.11 -7.37 0.39
N GLY A 514 -2.69 -7.66 -0.84
CA GLY A 514 -2.24 -6.64 -1.77
C GLY A 514 -3.19 -5.76 -2.54
N MET A 515 -2.57 -4.98 -3.41
CA MET A 515 -3.20 -3.89 -4.14
C MET A 515 -4.01 -4.29 -5.35
N TRP A 516 -5.17 -3.66 -5.54
CA TRP A 516 -5.96 -3.83 -6.79
C TRP A 516 -5.43 -2.71 -7.69
N THR A 517 -4.86 -3.03 -8.84
CA THR A 517 -4.21 -2.03 -9.71
C THR A 517 -5.04 -1.56 -10.92
N MET A 518 -6.17 -2.25 -11.23
CA MET A 518 -7.01 -1.90 -12.38
CA MET A 518 -7.01 -1.90 -12.38
C MET A 518 -8.04 -0.86 -11.93
N THR A 519 -7.59 0.41 -11.84
CA THR A 519 -8.37 1.55 -11.35
C THR A 519 -9.73 1.80 -11.96
N GLU A 520 -9.91 1.45 -13.22
CA GLU A 520 -11.19 1.69 -13.87
C GLU A 520 -12.08 0.45 -13.85
N LEU A 521 -11.55 -0.70 -13.47
CA LEU A 521 -12.31 -1.95 -13.48
C LEU A 521 -12.92 -2.26 -12.13
N MET A 522 -13.84 -1.40 -11.70
CA MET A 522 -14.50 -1.50 -10.40
C MET A 522 -15.51 -2.61 -10.29
N ALA A 523 -16.19 -2.95 -11.41
CA ALA A 523 -17.12 -4.08 -11.42
C ALA A 523 -16.31 -5.35 -11.17
N ASP A 524 -15.13 -5.46 -11.82
CA ASP A 524 -14.25 -6.63 -11.66
C ASP A 524 -13.72 -6.65 -10.24
N MET A 525 -13.37 -5.47 -9.65
CA MET A 525 -12.90 -5.42 -8.27
C MET A 525 -13.97 -5.95 -7.31
N VAL A 526 -15.21 -5.48 -7.46
CA VAL A 526 -16.30 -5.92 -6.59
C VAL A 526 -16.54 -7.44 -6.71
N GLU A 527 -16.36 -7.99 -7.92
CA GLU A 527 -16.55 -9.43 -8.15
C GLU A 527 -15.39 -10.26 -7.59
N THR A 528 -14.16 -9.79 -7.74
CA THR A 528 -12.95 -10.56 -7.45
C THR A 528 -12.32 -10.39 -6.07
N LYS A 529 -12.15 -9.13 -5.65
CA LYS A 529 -11.38 -8.78 -4.42
C LYS A 529 -11.98 -9.35 -3.12
N ILE A 530 -13.24 -9.87 -3.17
CA ILE A 530 -13.87 -10.54 -2.05
C ILE A 530 -13.04 -11.77 -1.64
N ALA A 531 -12.22 -12.32 -2.56
CA ALA A 531 -11.36 -13.47 -2.25
C ALA A 531 -10.44 -13.14 -1.08
N GLN A 532 -10.01 -11.88 -0.94
CA GLN A 532 -9.04 -11.53 0.12
C GLN A 532 -9.60 -11.63 1.55
N PRO A 533 -10.75 -10.98 1.91
CA PRO A 533 -11.33 -11.24 3.25
C PRO A 533 -11.83 -12.70 3.38
N ARG A 534 -12.24 -13.37 2.28
CA ARG A 534 -12.60 -14.79 2.37
C ARG A 534 -11.41 -15.65 2.74
N ALA A 535 -10.18 -15.16 2.47
CA ALA A 535 -8.94 -15.89 2.81
C ALA A 535 -8.42 -15.53 4.19
N GLY A 536 -9.20 -14.78 4.95
CA GLY A 536 -8.86 -14.44 6.33
C GLY A 536 -8.09 -13.16 6.52
N ALA A 537 -7.92 -12.36 5.43
CA ALA A 537 -7.23 -11.07 5.54
C ALA A 537 -8.13 -10.03 6.21
N SER A 538 -7.63 -9.39 7.28
CA SER A 538 -8.43 -8.36 7.96
C SER A 538 -8.35 -7.01 7.27
N THR A 539 -7.49 -6.89 6.25
CA THR A 539 -7.39 -5.68 5.44
C THR A 539 -6.77 -6.01 4.10
N ALA A 540 -7.02 -5.17 3.10
CA ALA A 540 -6.35 -5.28 1.80
C ALA A 540 -6.24 -3.92 1.19
N TRP A 541 -5.29 -3.78 0.27
CA TRP A 541 -4.96 -2.49 -0.30
C TRP A 541 -5.80 -2.07 -1.44
N VAL A 542 -6.15 -0.79 -1.40
CA VAL A 542 -6.93 -0.13 -2.44
C VAL A 542 -6.21 1.14 -2.93
N PRO A 543 -6.41 1.49 -4.20
CA PRO A 543 -5.69 2.64 -4.77
C PRO A 543 -6.36 4.00 -4.67
N SER A 544 -7.65 4.07 -4.29
CA SER A 544 -8.34 5.36 -4.25
C SER A 544 -9.44 5.37 -3.19
N PRO A 545 -9.93 6.56 -2.75
CA PRO A 545 -11.07 6.58 -1.80
C PRO A 545 -12.30 5.89 -2.40
N THR A 546 -12.54 6.00 -3.73
CA THR A 546 -13.68 5.30 -4.39
C THR A 546 -13.54 3.79 -4.28
N ALA A 547 -12.32 3.26 -4.50
CA ALA A 547 -12.08 1.83 -4.40
C ALA A 547 -12.22 1.37 -2.94
N ALA A 548 -11.87 2.23 -1.94
CA ALA A 548 -12.04 1.89 -0.53
C ALA A 548 -13.54 1.66 -0.21
N THR A 549 -14.40 2.56 -0.69
CA THR A 549 -15.87 2.47 -0.46
C THR A 549 -16.40 1.17 -1.05
N LEU A 550 -16.00 0.84 -2.29
CA LEU A 550 -16.49 -0.39 -2.90
C LEU A 550 -15.89 -1.64 -2.27
N HIS A 551 -14.60 -1.61 -1.85
CA HIS A 551 -14.00 -2.79 -1.22
C HIS A 551 -14.63 -3.00 0.19
N ALA A 552 -15.14 -1.93 0.83
CA ALA A 552 -15.82 -2.03 2.12
C ALA A 552 -17.04 -2.96 2.04
N LEU A 553 -17.70 -3.01 0.87
CA LEU A 553 -18.86 -3.93 0.67
C LEU A 553 -18.45 -5.39 0.99
N HIS A 554 -17.21 -5.76 0.65
CA HIS A 554 -16.74 -7.14 0.89
C HIS A 554 -16.72 -7.52 2.37
N TYR A 555 -16.37 -6.57 3.25
CA TYR A 555 -16.26 -6.81 4.68
C TYR A 555 -17.65 -6.91 5.34
N HIS A 556 -18.69 -6.41 4.67
CA HIS A 556 -20.06 -6.58 5.13
C HIS A 556 -20.58 -8.00 4.72
N GLN A 557 -20.06 -8.54 3.62
CA GLN A 557 -20.46 -9.84 3.10
C GLN A 557 -19.75 -10.93 3.81
N VAL A 558 -18.46 -10.70 4.16
CA VAL A 558 -17.62 -11.71 4.78
C VAL A 558 -17.35 -11.33 6.23
N ASP A 559 -17.53 -12.30 7.13
CA ASP A 559 -17.23 -12.11 8.54
C ASP A 559 -15.78 -12.57 8.75
N VAL A 560 -14.83 -11.64 8.57
CA VAL A 560 -13.38 -11.94 8.69
C VAL A 560 -13.00 -12.54 10.06
N ALA A 561 -13.55 -12.01 11.15
CA ALA A 561 -13.24 -12.59 12.46
C ALA A 561 -13.66 -14.09 12.50
N ALA A 562 -14.83 -14.45 11.92
CA ALA A 562 -15.27 -15.85 11.88
C ALA A 562 -14.35 -16.68 10.99
N VAL A 563 -13.97 -16.13 9.81
CA VAL A 563 -13.05 -16.81 8.87
C VAL A 563 -11.73 -17.13 9.59
N GLN A 564 -11.16 -16.14 10.28
CA GLN A 564 -9.88 -16.34 10.98
C GLN A 564 -9.93 -17.42 12.04
N GLN A 565 -11.04 -17.47 12.81
CA GLN A 565 -11.23 -18.48 13.87
CA GLN A 565 -11.25 -18.46 13.87
C GLN A 565 -11.24 -19.87 13.26
N GLY A 566 -11.87 -20.03 12.10
CA GLY A 566 -11.94 -21.30 11.38
C GLY A 566 -10.60 -21.72 10.77
N LEU A 567 -9.69 -20.75 10.53
CA LEU A 567 -8.38 -21.06 9.96
C LEU A 567 -7.33 -21.41 11.01
N ALA A 568 -7.65 -21.18 12.31
CA ALA A 568 -6.76 -21.45 13.45
C ALA A 568 -6.11 -22.84 13.41
N GLY A 569 -4.80 -22.87 13.60
CA GLY A 569 -4.00 -24.09 13.66
C GLY A 569 -3.73 -24.83 12.37
N LYS A 570 -4.27 -24.36 11.22
CA LYS A 570 -4.07 -25.03 9.93
C LYS A 570 -2.70 -24.68 9.36
N ARG A 571 -2.06 -25.62 8.67
CA ARG A 571 -0.78 -25.39 8.01
C ARG A 571 -0.99 -25.83 6.57
N ARG A 572 -1.43 -24.88 5.74
CA ARG A 572 -1.82 -25.11 4.36
C ARG A 572 -0.72 -24.96 3.31
N ALA A 573 0.47 -24.50 3.71
CA ALA A 573 1.57 -24.38 2.75
C ALA A 573 2.82 -25.05 3.27
N THR A 574 3.51 -25.82 2.43
CA THR A 574 4.76 -26.44 2.83
C THR A 574 5.90 -25.60 2.30
N ILE A 575 7.10 -25.80 2.83
CA ILE A 575 8.31 -25.17 2.36
C ILE A 575 8.60 -25.54 0.90
N GLU A 576 8.28 -26.79 0.46
CA GLU A 576 8.49 -27.17 -0.95
C GLU A 576 7.61 -26.34 -1.89
N GLN A 577 6.38 -26.05 -1.47
CA GLN A 577 5.48 -25.28 -2.34
C GLN A 577 5.98 -23.83 -2.40
N LEU A 578 6.42 -23.28 -1.25
CA LEU A 578 6.93 -21.90 -1.22
C LEU A 578 8.12 -21.74 -2.15
N LEU A 579 8.95 -22.79 -2.24
CA LEU A 579 10.17 -22.83 -3.06
C LEU A 579 10.00 -23.24 -4.53
N THR A 580 8.78 -23.54 -5.00
CA THR A 580 8.55 -23.93 -6.41
C THR A 580 8.81 -22.77 -7.34
N ILE A 581 9.93 -22.81 -8.07
CA ILE A 581 10.31 -21.72 -8.99
C ILE A 581 9.36 -21.66 -10.22
N PRO A 582 8.90 -20.45 -10.62
CA PRO A 582 7.96 -20.35 -11.74
C PRO A 582 8.60 -20.44 -13.15
N LEU A 583 9.36 -21.52 -13.39
CA LEU A 583 10.00 -21.74 -14.69
C LEU A 583 8.99 -22.12 -15.76
N ALA A 584 9.22 -21.64 -16.98
CA ALA A 584 8.31 -21.98 -18.07
C ALA A 584 8.71 -23.36 -18.63
N LYS A 585 7.75 -24.07 -19.21
CA LYS A 585 8.02 -25.37 -19.83
C LYS A 585 8.62 -25.11 -21.21
N GLU A 586 9.40 -26.07 -21.73
CA GLU A 586 10.00 -25.94 -23.06
C GLU A 586 8.89 -25.83 -24.13
N LEU A 587 9.11 -24.95 -25.14
CA LEU A 587 8.20 -24.69 -26.28
C LEU A 587 6.85 -24.07 -25.87
N ALA A 588 6.81 -23.42 -24.68
CA ALA A 588 5.60 -22.78 -24.13
C ALA A 588 4.98 -21.68 -25.01
N TRP A 589 5.77 -21.01 -25.87
CA TRP A 589 5.24 -19.88 -26.63
C TRP A 589 5.49 -19.80 -28.12
N ALA A 590 4.44 -19.39 -28.83
CA ALA A 590 4.45 -19.11 -30.25
C ALA A 590 5.05 -17.69 -30.41
N PRO A 591 5.52 -17.28 -31.62
CA PRO A 591 6.11 -15.93 -31.77
C PRO A 591 5.19 -14.77 -31.37
N ASP A 592 3.89 -14.83 -31.71
CA ASP A 592 2.92 -13.77 -31.38
C ASP A 592 2.79 -13.53 -29.88
N GLU A 593 2.85 -14.62 -29.09
CA GLU A 593 2.77 -14.55 -27.63
C GLU A 593 4.02 -13.85 -27.07
N ILE A 594 5.23 -14.21 -27.57
CA ILE A 594 6.49 -13.62 -27.11
C ILE A 594 6.48 -12.11 -27.40
N ARG A 595 6.08 -11.75 -28.63
CA ARG A 595 5.98 -10.36 -29.08
C ARG A 595 4.99 -9.59 -28.21
N GLU A 596 3.84 -10.20 -27.85
CA GLU A 596 2.84 -9.50 -27.03
C GLU A 596 3.40 -9.22 -25.62
N GLU A 597 4.10 -10.20 -25.04
CA GLU A 597 4.68 -10.06 -23.71
C GLU A 597 5.77 -8.98 -23.73
N VAL A 598 6.61 -8.98 -24.78
CA VAL A 598 7.67 -7.98 -24.89
C VAL A 598 7.10 -6.57 -25.01
N ASP A 599 6.19 -6.36 -25.97
CA ASP A 599 5.55 -5.06 -26.21
C ASP A 599 4.79 -4.56 -24.97
N ASN A 600 4.07 -5.46 -24.29
CA ASN A 600 3.31 -5.10 -23.09
C ASN A 600 4.24 -4.62 -22.00
N ASN A 601 5.31 -5.37 -21.72
CA ASN A 601 6.29 -5.00 -20.69
C ASN A 601 7.01 -3.72 -21.05
N CYS A 602 7.41 -3.52 -22.33
CA CYS A 602 8.05 -2.27 -22.75
C CYS A 602 7.12 -1.06 -22.61
N GLN A 603 5.84 -1.21 -22.98
CA GLN A 603 4.89 -0.09 -22.86
C GLN A 603 4.70 0.30 -21.39
N SER A 604 4.54 -0.69 -20.51
CA SER A 604 4.36 -0.50 -19.05
CA SER A 604 4.33 -0.42 -19.09
C SER A 604 5.57 0.22 -18.47
N ILE A 605 6.80 -0.24 -18.85
CA ILE A 605 8.07 0.32 -18.39
C ILE A 605 8.20 1.75 -18.86
N LEU A 606 8.08 1.99 -20.19
CA LEU A 606 8.23 3.35 -20.73
C LEU A 606 7.21 4.34 -20.18
N GLY A 607 5.95 3.90 -20.07
CA GLY A 607 4.85 4.71 -19.58
C GLY A 607 5.11 5.22 -18.17
N TYR A 608 5.59 4.33 -17.33
CA TYR A 608 5.91 4.64 -15.93
C TYR A 608 7.17 5.47 -15.80
N VAL A 609 8.28 5.01 -16.43
CA VAL A 609 9.60 5.63 -16.33
C VAL A 609 9.66 7.05 -16.86
N VAL A 610 8.96 7.31 -17.97
CA VAL A 610 8.95 8.65 -18.54
C VAL A 610 8.44 9.69 -17.53
N ARG A 611 7.35 9.38 -16.80
CA ARG A 611 6.83 10.33 -15.82
C ARG A 611 7.67 10.39 -14.56
N TRP A 612 8.36 9.28 -14.22
CA TRP A 612 9.24 9.21 -13.07
C TRP A 612 10.48 10.11 -13.27
N VAL A 613 11.21 9.88 -14.37
CA VAL A 613 12.47 10.59 -14.64
C VAL A 613 12.28 12.07 -15.02
N ASP A 614 11.32 12.37 -15.90
CA ASP A 614 11.10 13.74 -16.40
C ASP A 614 10.24 14.61 -15.53
N GLN A 615 9.34 14.02 -14.74
CA GLN A 615 8.43 14.84 -13.92
C GLN A 615 8.44 14.54 -12.42
N GLY A 616 9.20 13.54 -11.99
CA GLY A 616 9.26 13.15 -10.59
C GLY A 616 7.93 12.65 -10.05
N VAL A 617 7.16 11.92 -10.89
CA VAL A 617 5.86 11.35 -10.50
C VAL A 617 6.08 9.85 -10.27
N GLY A 618 5.90 9.37 -9.02
CA GLY A 618 6.16 7.98 -8.67
C GLY A 618 5.04 6.96 -8.80
N ALA A 619 3.85 7.39 -9.16
CA ALA A 619 2.72 6.48 -9.37
C ALA A 619 1.90 7.08 -10.51
N SER A 620 1.72 6.30 -11.58
CA SER A 620 1.01 6.76 -12.78
C SER A 620 0.05 5.70 -13.28
N LYS A 621 -1.09 6.12 -13.81
CA LYS A 621 -2.04 5.21 -14.45
C LYS A 621 -1.48 5.04 -15.87
N VAL A 622 -1.08 3.84 -16.23
CA VAL A 622 -0.49 3.60 -17.56
C VAL A 622 -1.34 2.54 -18.27
N PRO A 623 -1.98 2.86 -19.41
CA PRO A 623 -2.76 1.82 -20.12
C PRO A 623 -1.83 0.74 -20.63
N ASP A 624 -2.22 -0.52 -20.48
CA ASP A 624 -1.40 -1.61 -20.98
C ASP A 624 -1.70 -1.88 -22.47
N ILE A 625 -1.17 -2.97 -23.04
CA ILE A 625 -1.35 -3.36 -24.44
C ILE A 625 -2.84 -3.65 -24.77
N HIS A 626 -3.64 -4.06 -23.76
CA HIS A 626 -5.07 -4.33 -23.94
C HIS A 626 -5.93 -3.10 -23.60
N ASP A 627 -5.28 -1.91 -23.49
CA ASP A 627 -5.90 -0.63 -23.12
C ASP A 627 -6.52 -0.57 -21.73
N VAL A 628 -6.05 -1.44 -20.82
CA VAL A 628 -6.52 -1.48 -19.43
C VAL A 628 -5.65 -0.51 -18.62
N ALA A 629 -6.28 0.47 -17.95
CA ALA A 629 -5.57 1.45 -17.12
C ALA A 629 -5.05 0.78 -15.85
N LEU A 630 -3.73 0.79 -15.69
CA LEU A 630 -3.10 0.17 -14.55
C LEU A 630 -2.37 1.21 -13.72
N MET A 631 -2.57 1.16 -12.41
CA MET A 631 -1.82 2.02 -11.48
C MET A 631 -0.45 1.38 -11.33
N GLU A 632 0.58 2.04 -11.85
CA GLU A 632 1.97 1.57 -11.84
C GLU A 632 2.76 2.24 -10.73
N ASP A 633 3.62 1.47 -10.07
CA ASP A 633 4.53 1.95 -9.04
C ASP A 633 5.86 1.22 -9.33
N ARG A 634 6.87 1.43 -8.49
CA ARG A 634 8.17 0.80 -8.67
C ARG A 634 8.10 -0.74 -8.68
N ALA A 635 7.18 -1.35 -7.92
CA ALA A 635 7.05 -2.81 -7.83
C ALA A 635 6.59 -3.43 -9.14
N THR A 636 5.63 -2.77 -9.86
CA THR A 636 5.16 -3.28 -11.15
C THR A 636 6.31 -3.10 -12.15
N LEU A 637 7.08 -2.02 -12.03
CA LEU A 637 8.29 -1.80 -12.86
C LEU A 637 9.35 -2.89 -12.58
N ARG A 638 9.54 -3.28 -11.30
CA ARG A 638 10.49 -4.33 -10.94
CA ARG A 638 10.49 -4.34 -10.93
C ARG A 638 10.11 -5.65 -11.65
N ILE A 639 8.82 -6.00 -11.72
CA ILE A 639 8.42 -7.25 -12.38
C ILE A 639 8.71 -7.16 -13.87
N SER A 640 8.22 -6.11 -14.53
CA SER A 640 8.36 -5.97 -15.98
C SER A 640 9.79 -6.00 -16.42
N SER A 641 10.65 -5.21 -15.73
CA SER A 641 12.07 -5.14 -16.11
C SER A 641 12.81 -6.44 -15.81
N GLN A 642 12.50 -7.12 -14.67
CA GLN A 642 13.14 -8.38 -14.32
C GLN A 642 12.70 -9.50 -15.28
N LEU A 643 11.42 -9.50 -15.69
CA LEU A 643 10.93 -10.54 -16.61
C LEU A 643 11.68 -10.43 -17.95
N LEU A 644 11.77 -9.22 -18.53
CA LEU A 644 12.47 -9.02 -19.82
C LEU A 644 13.96 -9.32 -19.65
N ALA A 645 14.56 -8.92 -18.50
CA ALA A 645 15.97 -9.24 -18.24
C ALA A 645 16.15 -10.77 -18.23
N ASN A 646 15.18 -11.51 -17.63
CA ASN A 646 15.20 -12.98 -17.56
C ASN A 646 15.06 -13.63 -18.94
N TRP A 647 14.16 -13.09 -19.75
CA TRP A 647 13.95 -13.59 -21.11
C TRP A 647 15.17 -13.32 -22.00
N LEU A 648 15.83 -12.15 -21.81
CA LEU A 648 17.06 -11.83 -22.55
C LEU A 648 18.22 -12.74 -22.09
N ARG A 649 18.29 -13.03 -20.81
CA ARG A 649 19.33 -13.88 -20.23
C ARG A 649 19.28 -15.35 -20.73
N HIS A 650 18.08 -15.84 -21.06
CA HIS A 650 17.91 -17.24 -21.45
C HIS A 650 17.61 -17.47 -22.94
N GLY A 651 17.75 -16.43 -23.75
CA GLY A 651 17.59 -16.51 -25.21
C GLY A 651 16.19 -16.59 -25.76
N VAL A 652 15.18 -16.22 -24.95
CA VAL A 652 13.80 -16.22 -25.41
C VAL A 652 13.64 -15.09 -26.40
N ILE A 653 14.40 -14.01 -26.17
CA ILE A 653 14.38 -12.81 -26.99
C ILE A 653 15.82 -12.33 -27.21
N THR A 654 16.03 -11.52 -28.24
CA THR A 654 17.36 -11.00 -28.58
C THR A 654 17.42 -9.55 -28.13
N SER A 655 18.63 -8.94 -28.16
CA SER A 655 18.78 -7.54 -27.81
C SER A 655 18.15 -6.64 -28.87
N ALA A 656 18.07 -7.13 -30.13
CA ALA A 656 17.42 -6.39 -31.21
C ALA A 656 15.90 -6.32 -30.94
N ASP A 657 15.30 -7.42 -30.42
CA ASP A 657 13.84 -7.48 -30.09
C ASP A 657 13.50 -6.43 -29.02
N VAL A 658 14.31 -6.37 -27.94
CA VAL A 658 14.14 -5.40 -26.85
C VAL A 658 14.18 -3.96 -27.39
N ARG A 659 15.25 -3.60 -28.13
CA ARG A 659 15.40 -2.26 -28.67
C ARG A 659 14.24 -1.88 -29.58
N ALA A 660 13.88 -2.76 -30.50
CA ALA A 660 12.79 -2.53 -31.46
C ALA A 660 11.46 -2.32 -30.72
N SER A 661 11.20 -3.13 -29.68
CA SER A 661 9.95 -2.96 -28.91
C SER A 661 9.97 -1.64 -28.18
N LEU A 662 11.08 -1.27 -27.51
CA LEU A 662 11.16 0.02 -26.83
C LEU A 662 10.91 1.16 -27.81
N GLU A 663 11.53 1.11 -29.02
CA GLU A 663 11.37 2.18 -30.02
C GLU A 663 9.97 2.26 -30.59
N ARG A 664 9.29 1.11 -30.73
CA ARG A 664 7.93 1.00 -31.22
C ARG A 664 6.95 1.55 -30.18
N MET A 665 7.16 1.23 -28.89
CA MET A 665 6.20 1.67 -27.84
C MET A 665 6.41 3.11 -27.44
N ALA A 666 7.65 3.65 -27.55
CA ALA A 666 7.97 5.03 -27.17
C ALA A 666 7.04 6.08 -27.83
N PRO A 667 6.77 6.08 -29.17
CA PRO A 667 5.84 7.07 -29.73
C PRO A 667 4.42 6.91 -29.20
N LEU A 668 4.02 5.68 -28.84
CA LEU A 668 2.68 5.40 -28.30
C LEU A 668 2.51 5.99 -26.90
N VAL A 669 3.59 5.99 -26.10
CA VAL A 669 3.63 6.58 -24.75
C VAL A 669 3.61 8.10 -24.90
N ASP A 670 4.40 8.64 -25.87
CA ASP A 670 4.46 10.07 -26.18
C ASP A 670 3.04 10.57 -26.53
N ARG A 671 2.27 9.78 -27.30
CA ARG A 671 0.91 10.13 -27.72
C ARG A 671 -0.05 10.17 -26.54
N GLN A 672 0.05 9.16 -25.66
CA GLN A 672 -0.76 9.02 -24.45
C GLN A 672 -0.53 10.20 -23.51
N ASN A 673 0.66 10.79 -23.55
CA ASN A 673 0.98 11.94 -22.73
C ASN A 673 0.58 13.28 -23.37
N ALA A 674 1.35 13.74 -24.35
CA ALA A 674 1.05 15.01 -25.02
C ALA A 674 1.09 14.85 -26.53
N ASP A 676 0.63 16.59 -23.13
CA ASP A 676 0.40 17.18 -21.82
C ASP A 676 0.81 18.65 -21.80
N VAL A 677 1.82 18.97 -21.00
CA VAL A 677 2.31 20.34 -20.89
C VAL A 677 3.78 20.38 -20.45
N ALA A 678 4.14 19.65 -19.37
CA ALA A 678 5.51 19.53 -18.88
C ALA A 678 6.21 18.33 -19.56
N TYR A 679 5.46 17.59 -20.41
CA TYR A 679 5.93 16.40 -21.10
C TYR A 679 6.90 16.71 -22.24
N ARG A 680 8.04 15.98 -22.27
CA ARG A 680 9.09 16.04 -23.29
C ARG A 680 9.04 14.68 -24.05
N PRO A 681 8.68 14.66 -25.37
CA PRO A 681 8.62 13.39 -26.11
C PRO A 681 9.94 12.62 -26.17
N MET A 682 9.87 11.28 -26.18
CA MET A 682 11.06 10.43 -26.23
C MET A 682 11.54 10.24 -27.67
N ALA A 683 10.61 9.91 -28.57
CA ALA A 683 10.85 9.69 -30.00
C ALA A 683 10.92 11.03 -30.75
N PRO A 684 11.80 11.19 -31.78
CA PRO A 684 12.69 10.19 -32.41
C PRO A 684 14.10 10.08 -31.88
N ASN A 685 14.63 11.13 -31.20
CA ASN A 685 15.99 11.19 -30.68
C ASN A 685 16.15 10.41 -29.38
N PHE A 686 16.01 9.07 -29.47
CA PHE A 686 16.06 8.13 -28.36
C PHE A 686 17.29 8.25 -27.47
N ASP A 687 18.47 8.37 -28.09
CA ASP A 687 19.71 8.47 -27.34
C ASP A 687 19.94 9.81 -26.63
N ASP A 688 19.06 10.78 -26.88
CA ASP A 688 19.10 12.10 -26.24
C ASP A 688 18.05 12.18 -25.10
N SER A 689 17.21 11.15 -24.96
CA SER A 689 16.16 11.09 -23.95
C SER A 689 16.67 10.35 -22.71
N ILE A 690 16.86 11.06 -21.58
CA ILE A 690 17.29 10.41 -20.33
C ILE A 690 16.25 9.34 -19.89
N ALA A 691 14.95 9.63 -20.07
CA ALA A 691 13.85 8.70 -19.70
C ALA A 691 13.91 7.42 -20.53
N PHE A 692 14.17 7.54 -21.85
CA PHE A 692 14.28 6.36 -22.71
C PHE A 692 15.45 5.50 -22.30
N LEU A 693 16.61 6.15 -22.04
CA LEU A 693 17.83 5.45 -21.62
C LEU A 693 17.69 4.81 -20.28
N ALA A 694 16.88 5.41 -19.39
CA ALA A 694 16.59 4.82 -18.07
C ALA A 694 15.81 3.53 -18.27
N ALA A 695 14.75 3.57 -19.09
CA ALA A 695 13.91 2.39 -19.41
C ALA A 695 14.80 1.29 -19.99
N GLN A 696 15.65 1.65 -20.95
CA GLN A 696 16.55 0.67 -21.58
C GLN A 696 17.48 0.04 -20.57
N GLU A 697 18.09 0.86 -19.69
CA GLU A 697 19.04 0.42 -18.65
C GLU A 697 18.37 -0.52 -17.68
N LEU A 698 17.12 -0.25 -17.31
CA LEU A 698 16.39 -1.13 -16.36
C LEU A 698 16.28 -2.57 -16.90
N ILE A 699 16.14 -2.71 -18.22
CA ILE A 699 16.07 -4.03 -18.85
C ILE A 699 17.46 -4.61 -19.07
N LEU A 700 18.35 -3.90 -19.80
CA LEU A 700 19.68 -4.42 -20.14
C LEU A 700 20.61 -4.60 -18.97
N SER A 701 20.42 -3.83 -17.86
CA SER A 701 21.25 -4.01 -16.66
C SER A 701 20.46 -4.67 -15.53
N GLY A 702 19.21 -5.06 -15.82
CA GLY A 702 18.31 -5.71 -14.87
C GLY A 702 18.90 -6.84 -14.06
N ALA A 703 19.56 -7.81 -14.73
CA ALA A 703 20.16 -8.93 -14.01
C ALA A 703 21.26 -8.51 -13.02
N GLN A 704 21.84 -7.31 -13.19
CA GLN A 704 22.94 -6.85 -12.33
C GLN A 704 22.50 -5.90 -11.21
N GLN A 705 21.19 -5.58 -11.14
CA GLN A 705 20.69 -4.69 -10.09
C GLN A 705 20.50 -5.50 -8.81
N PRO A 706 20.89 -4.99 -7.60
CA PRO A 706 20.77 -5.80 -6.37
C PRO A 706 19.32 -6.18 -6.13
N ASN A 707 19.05 -7.51 -6.08
CA ASN A 707 17.70 -8.08 -5.92
C ASN A 707 16.71 -7.55 -6.97
N GLY A 708 17.24 -7.07 -8.09
CA GLY A 708 16.44 -6.51 -9.16
C GLY A 708 15.79 -5.17 -8.86
N TYR A 709 16.23 -4.48 -7.80
CA TYR A 709 15.69 -3.17 -7.43
C TYR A 709 15.89 -2.12 -8.50
N THR A 710 14.86 -1.27 -8.71
CA THR A 710 14.84 -0.25 -9.75
C THR A 710 15.38 1.10 -9.25
N GLU A 711 15.41 1.33 -7.92
CA GLU A 711 15.81 2.65 -7.39
C GLU A 711 17.18 3.11 -7.82
N PRO A 712 18.25 2.28 -7.76
CA PRO A 712 19.57 2.80 -8.15
C PRO A 712 19.53 3.49 -9.51
N ILE A 713 18.94 2.84 -10.53
CA ILE A 713 18.82 3.44 -11.87
C ILE A 713 17.86 4.63 -11.88
N LEU A 714 16.66 4.48 -11.30
CA LEU A 714 15.72 5.59 -11.35
C LEU A 714 16.30 6.83 -10.69
N HIS A 715 16.91 6.70 -9.49
CA HIS A 715 17.46 7.85 -8.74
C HIS A 715 18.58 8.52 -9.54
N ARG A 716 19.49 7.70 -10.08
CA ARG A 716 20.59 8.21 -10.89
C ARG A 716 20.06 8.99 -12.12
N ARG A 717 19.10 8.42 -12.86
CA ARG A 717 18.53 9.07 -14.05
C ARG A 717 17.68 10.29 -13.76
N ARG A 718 16.90 10.27 -12.66
CA ARG A 718 16.15 11.47 -12.27
C ARG A 718 17.12 12.58 -11.85
N ARG A 719 18.19 12.24 -11.12
CA ARG A 719 19.19 13.24 -10.70
C ARG A 719 19.89 13.87 -11.94
N GLU A 720 20.17 13.04 -12.96
CA GLU A 720 20.74 13.48 -14.26
C GLU A 720 19.77 14.40 -15.01
N PHE A 721 18.46 14.07 -15.01
CA PHE A 721 17.47 14.93 -15.67
C PHE A 721 17.40 16.32 -15.00
N LYS A 722 17.33 16.38 -13.67
CA LYS A 722 17.25 17.66 -12.94
C LYS A 722 18.49 18.53 -13.16
N ALA A 723 19.68 17.90 -13.25
CA ALA A 723 20.96 18.56 -13.50
C ALA A 723 20.96 19.22 -14.88
N ARG A 724 20.46 18.50 -15.93
CA ARG A 724 20.38 19.04 -17.28
CA ARG A 724 20.37 19.00 -17.29
C ARG A 724 19.40 20.19 -17.35
N ALA A 725 18.25 20.08 -16.63
CA ALA A 725 17.24 21.13 -16.58
C ALA A 725 17.77 22.36 -15.83
N ALA A 726 18.67 22.18 -14.82
CA ALA A 726 19.26 23.28 -14.04
C ALA A 726 20.26 24.10 -14.87
N GLU A 727 21.01 23.45 -15.78
CA GLU A 727 22.01 24.08 -16.65
C GLU A 727 21.40 24.52 -17.98
#